data_7L1J
#
_entry.id   7L1J
#
_cell.length_a   54.866
_cell.length_b   104.406
_cell.length_c   153.787
_cell.angle_alpha   90.000
_cell.angle_beta   90.000
_cell.angle_gamma   90.000
#
_symmetry.space_group_name_H-M   'P 21 21 21'
#
loop_
_entity.id
_entity.type
_entity.pdbx_description
1 polymer 'ATP-dependent dethiobiotin synthetase BioD'
2 non-polymer '{(1R,2R)-2-[4-(1H-tetrazol-5-yl)benzene-1-carbonyl]cyclopentyl}propanedioic acid'
3 non-polymer GLYCEROL
4 non-polymer 'SULFATE ION'
5 water water
#
_entity_poly.entity_id   1
_entity_poly.type   'polypeptide(L)'
_entity_poly.pdbx_seq_one_letter_code
;HHHHHHGGTILVVTGTGTGVGKTVVCAALASAARQAGIDVAVCKPVQTGTARGDDDLAEVGRLAGVTQLAGLARYPQPMA
PAAAAEHAGMALPARDQIVRLIADLDRPGRLTLVEGAGGLLVELAEPGVTLRDVAVDVAAAALVVVTADLGTLNHTKLTL
EALAAQQVSCAGLVIGSWPDPPGLVAASNRSALARIAMVRAALPAGAASLDAGDFAAMSAAAFDRNWVAGLVG
;
_entity_poly.pdbx_strand_id   A,B,C,D
#
# COMPACT_ATOMS: atom_id res chain seq x y z
N GLY A 7 10.98 -2.92 20.69
CA GLY A 7 11.44 -4.22 20.23
C GLY A 7 12.23 -4.17 18.93
N GLY A 8 12.28 -5.28 18.23
CA GLY A 8 12.93 -5.40 16.92
C GLY A 8 11.90 -5.40 15.81
N THR A 9 12.15 -6.23 14.80
CA THR A 9 11.23 -6.35 13.68
C THR A 9 10.59 -7.73 13.71
N ILE A 10 9.26 -7.76 13.76
CA ILE A 10 8.50 -9.00 13.67
C ILE A 10 7.89 -9.06 12.28
N LEU A 11 8.05 -10.19 11.61
CA LEU A 11 7.55 -10.37 10.27
C LEU A 11 6.83 -11.71 10.26
N VAL A 12 5.53 -11.71 10.02
CA VAL A 12 4.85 -12.99 9.81
C VAL A 12 5.10 -13.45 8.38
N VAL A 13 5.33 -14.74 8.22
CA VAL A 13 5.56 -15.33 6.91
C VAL A 13 4.39 -16.25 6.64
N THR A 14 3.53 -15.84 5.71
CA THR A 14 2.34 -16.58 5.36
C THR A 14 2.51 -17.07 3.91
N GLY A 15 1.44 -17.61 3.36
CA GLY A 15 1.53 -18.06 1.98
C GLY A 15 0.12 -18.08 1.41
N THR A 16 0.05 -18.34 0.10
CA THR A 16 -1.26 -18.49 -0.51
C THR A 16 -1.92 -19.81 -0.13
N GLY A 17 -1.18 -20.74 0.47
CA GLY A 17 -1.75 -22.02 0.84
C GLY A 17 -0.74 -22.89 1.57
N THR A 18 -0.94 -24.20 1.52
CA THR A 18 0.03 -25.13 2.10
C THR A 18 0.89 -25.72 0.99
N GLY A 19 2.14 -26.02 1.31
CA GLY A 19 3.05 -26.57 0.33
C GLY A 19 3.54 -25.58 -0.70
N VAL A 20 3.55 -24.29 -0.38
CA VAL A 20 3.92 -23.26 -1.36
C VAL A 20 5.34 -22.75 -1.14
N GLY A 21 5.99 -23.14 -0.04
CA GLY A 21 7.36 -22.72 0.19
C GLY A 21 7.56 -21.87 1.43
N LYS A 22 6.58 -21.83 2.33
CA LYS A 22 6.72 -21.01 3.54
C LYS A 22 8.00 -21.37 4.30
N THR A 23 8.25 -22.66 4.52
CA THR A 23 9.38 -23.03 5.37
C THR A 23 10.71 -22.68 4.70
N VAL A 24 10.85 -23.03 3.42
CA VAL A 24 12.15 -22.77 2.78
C VAL A 24 12.38 -21.27 2.64
N VAL A 25 11.32 -20.48 2.47
CA VAL A 25 11.47 -19.03 2.43
C VAL A 25 11.89 -18.49 3.80
N CYS A 26 11.25 -18.96 4.87
CA CYS A 26 11.68 -18.61 6.22
C CYS A 26 13.17 -18.89 6.41
N ALA A 27 13.61 -20.07 5.98
CA ALA A 27 15.02 -20.44 6.11
C ALA A 27 15.90 -19.53 5.26
N ALA A 28 15.46 -19.22 4.04
CA ALA A 28 16.28 -18.41 3.14
C ALA A 28 16.43 -16.98 3.66
N LEU A 29 15.33 -16.37 4.11
CA LEU A 29 15.41 -15.02 4.68
C LEU A 29 16.21 -15.04 5.97
N ALA A 30 16.02 -16.07 6.79
CA ALA A 30 16.80 -16.18 8.01
C ALA A 30 18.29 -16.25 7.68
N SER A 31 18.64 -17.05 6.69
CA SER A 31 20.04 -17.17 6.28
C SER A 31 20.58 -15.84 5.77
N ALA A 32 19.83 -15.17 4.89
CA ALA A 32 20.29 -13.89 4.36
C ALA A 32 20.48 -12.87 5.47
N ALA A 33 19.53 -12.81 6.40
CA ALA A 33 19.64 -11.86 7.50
C ALA A 33 20.83 -12.19 8.40
N ARG A 34 21.02 -13.47 8.75
CA ARG A 34 22.16 -13.83 9.58
C ARG A 34 23.48 -13.47 8.89
N GLN A 35 23.55 -13.65 7.57
CA GLN A 35 24.77 -13.28 6.88
C GLN A 35 25.00 -11.77 6.88
N ALA A 36 23.93 -10.99 7.02
CA ALA A 36 24.04 -9.55 7.19
C ALA A 36 24.28 -9.15 8.64
N GLY A 37 24.52 -10.10 9.54
CA GLY A 37 24.80 -9.80 10.94
C GLY A 37 23.58 -9.51 11.78
N ILE A 38 22.38 -9.77 11.26
CA ILE A 38 21.14 -9.56 11.99
C ILE A 38 20.86 -10.80 12.81
N ASP A 39 20.53 -10.62 14.09
CA ASP A 39 20.10 -11.73 14.93
C ASP A 39 18.71 -12.19 14.50
N VAL A 40 18.51 -13.50 14.34
CA VAL A 40 17.25 -14.03 13.81
C VAL A 40 16.68 -15.05 14.79
N ALA A 41 15.38 -14.93 15.06
CA ALA A 41 14.60 -15.97 15.71
C ALA A 41 13.48 -16.39 14.76
N VAL A 42 13.16 -17.68 14.76
CA VAL A 42 12.05 -18.19 13.96
C VAL A 42 11.09 -18.91 14.90
N CYS A 43 9.79 -18.61 14.79
CA CYS A 43 8.84 -19.38 15.55
C CYS A 43 7.70 -19.87 14.67
N LYS A 44 7.19 -21.03 15.06
CA LYS A 44 6.12 -21.72 14.34
C LYS A 44 5.11 -22.02 15.43
N PRO A 45 4.17 -21.11 15.69
CA PRO A 45 3.32 -21.28 16.86
C PRO A 45 2.40 -22.49 16.76
N VAL A 46 2.02 -22.90 15.55
CA VAL A 46 1.19 -24.08 15.37
C VAL A 46 1.83 -24.94 14.29
N GLN A 47 2.17 -26.18 14.64
CA GLN A 47 2.79 -27.12 13.73
C GLN A 47 1.91 -28.37 13.68
N THR A 48 1.39 -28.70 12.49
CA THR A 48 0.70 -29.98 12.31
C THR A 48 1.59 -30.94 11.55
N GLY A 49 1.10 -32.17 11.38
CA GLY A 49 1.86 -33.18 10.67
C GLY A 49 3.09 -33.72 11.37
N THR A 50 3.20 -33.58 12.70
CA THR A 50 4.42 -34.06 13.35
C THR A 50 4.53 -35.57 13.32
N ALA A 51 3.41 -36.29 13.17
CA ALA A 51 3.47 -37.75 13.04
C ALA A 51 3.95 -38.18 11.66
N ARG A 52 4.06 -37.25 10.72
CA ARG A 52 4.63 -37.51 9.41
C ARG A 52 6.06 -37.01 9.30
N GLY A 53 6.60 -36.44 10.38
CA GLY A 53 7.94 -35.89 10.38
C GLY A 53 8.00 -34.40 10.11
N ASP A 54 6.85 -33.77 9.83
CA ASP A 54 6.84 -32.34 9.58
C ASP A 54 7.31 -31.59 10.82
N ASP A 55 8.37 -30.80 10.67
CA ASP A 55 8.89 -30.01 11.79
C ASP A 55 9.64 -28.84 11.17
N ASP A 56 8.90 -27.74 10.93
CA ASP A 56 9.45 -26.64 10.16
C ASP A 56 10.58 -25.94 10.90
N LEU A 57 10.50 -25.85 12.23
CA LEU A 57 11.59 -25.26 13.00
C LEU A 57 12.88 -26.04 12.81
N ALA A 58 12.79 -27.37 12.89
CA ALA A 58 13.99 -28.19 12.71
C ALA A 58 14.57 -28.01 11.32
N GLU A 59 13.70 -27.92 10.31
CA GLU A 59 14.16 -27.72 8.93
C GLU A 59 14.85 -26.37 8.77
N VAL A 60 14.30 -25.31 9.38
CA VAL A 60 14.96 -24.01 9.32
C VAL A 60 16.32 -24.05 10.01
N GLY A 61 16.40 -24.71 11.17
CA GLY A 61 17.69 -24.87 11.82
C GLY A 61 18.69 -25.59 10.93
N ARG A 62 18.26 -26.67 10.28
N ARG A 62 18.24 -26.65 10.24
CA ARG A 62 19.13 -27.40 9.37
CA ARG A 62 19.11 -27.43 9.36
C ARG A 62 19.62 -26.52 8.22
C ARG A 62 19.59 -26.61 8.18
N LEU A 63 18.68 -25.86 7.53
CA LEU A 63 19.04 -25.14 6.32
C LEU A 63 19.82 -23.87 6.59
N ALA A 64 19.46 -23.12 7.63
CA ALA A 64 19.95 -21.76 7.83
C ALA A 64 20.83 -21.58 9.05
N GLY A 65 20.93 -22.59 9.91
CA GLY A 65 21.74 -22.46 11.12
C GLY A 65 21.08 -21.72 12.26
N VAL A 66 19.79 -21.39 12.13
CA VAL A 66 19.09 -20.70 13.21
C VAL A 66 19.05 -21.59 14.43
N THR A 67 19.44 -21.04 15.58
CA THR A 67 19.34 -21.75 16.86
C THR A 67 18.19 -21.25 17.72
N GLN A 68 17.75 -20.02 17.51
CA GLN A 68 16.65 -19.42 18.27
C GLN A 68 15.35 -19.82 17.58
N LEU A 69 14.83 -20.98 18.00
CA LEU A 69 13.65 -21.61 17.41
C LEU A 69 12.62 -21.79 18.51
N ALA A 70 11.37 -21.42 18.23
CA ALA A 70 10.34 -21.41 19.25
C ALA A 70 9.05 -22.02 18.70
N GLY A 71 8.55 -23.05 19.37
CA GLY A 71 7.27 -23.63 19.04
C GLY A 71 6.30 -23.50 20.21
N LEU A 72 5.07 -23.92 19.95
CA LEU A 72 4.03 -23.87 20.98
C LEU A 72 3.14 -25.11 20.86
N ALA A 73 2.31 -25.16 19.82
CA ALA A 73 1.42 -26.29 19.63
C ALA A 73 1.94 -27.22 18.53
N ARG A 74 1.93 -28.53 18.81
CA ARG A 74 2.34 -29.55 17.85
C ARG A 74 1.23 -30.59 17.76
N TYR A 75 0.75 -30.86 16.54
CA TYR A 75 -0.29 -31.86 16.36
C TYR A 75 0.15 -32.95 15.38
N PRO A 76 -0.18 -34.22 15.64
CA PRO A 76 0.33 -35.31 14.78
C PRO A 76 -0.14 -35.28 13.33
N GLN A 77 -1.44 -35.11 13.08
CA GLN A 77 -1.92 -35.37 11.71
C GLN A 77 -1.58 -34.21 10.78
N PRO A 78 -1.24 -34.51 9.50
CA PRO A 78 -0.97 -33.47 8.47
C PRO A 78 -2.26 -32.88 7.93
N MET A 79 -2.90 -32.06 8.76
CA MET A 79 -4.22 -31.51 8.50
C MET A 79 -4.19 -30.05 8.91
N ALA A 80 -5.26 -29.32 8.59
CA ALA A 80 -5.41 -27.99 9.14
C ALA A 80 -5.40 -28.07 10.67
N PRO A 81 -4.85 -27.04 11.33
CA PRO A 81 -4.77 -27.07 12.81
C PRO A 81 -6.04 -27.50 13.53
N ALA A 82 -7.19 -26.91 13.19
CA ALA A 82 -8.42 -27.27 13.91
C ALA A 82 -8.71 -28.76 13.78
N ALA A 83 -8.52 -29.32 12.57
CA ALA A 83 -8.77 -30.74 12.35
C ALA A 83 -7.73 -31.61 13.03
N ALA A 84 -6.46 -31.20 12.96
CA ALA A 84 -5.42 -31.98 13.64
C ALA A 84 -5.64 -32.00 15.14
N ALA A 85 -5.99 -30.85 15.72
CA ALA A 85 -6.27 -30.81 17.15
C ALA A 85 -7.44 -31.72 17.49
N GLU A 86 -8.53 -31.63 16.73
CA GLU A 86 -9.69 -32.48 16.99
C GLU A 86 -9.30 -33.95 16.91
N HIS A 87 -8.51 -34.33 15.91
CA HIS A 87 -8.15 -35.74 15.75
C HIS A 87 -7.30 -36.24 16.92
N ALA A 88 -6.43 -35.39 17.46
CA ALA A 88 -5.61 -35.78 18.60
C ALA A 88 -6.32 -35.63 19.93
N GLY A 89 -7.57 -35.15 19.94
CA GLY A 89 -8.25 -34.87 21.19
C GLY A 89 -7.65 -33.71 21.95
N MET A 90 -7.01 -32.79 21.25
CA MET A 90 -6.35 -31.63 21.85
C MET A 90 -7.09 -30.35 21.47
N ALA A 91 -6.73 -29.27 22.15
CA ALA A 91 -7.29 -27.97 21.86
C ALA A 91 -6.28 -27.12 21.10
N LEU A 92 -6.80 -26.17 20.32
CA LEU A 92 -5.96 -25.11 19.77
C LEU A 92 -5.45 -24.21 20.89
N PRO A 93 -4.30 -23.56 20.70
CA PRO A 93 -3.85 -22.58 21.69
C PRO A 93 -4.77 -21.36 21.70
N ALA A 94 -4.65 -20.58 22.76
CA ALA A 94 -5.37 -19.33 22.81
C ALA A 94 -4.59 -18.25 22.06
N ARG A 95 -5.33 -17.28 21.54
CA ARG A 95 -4.73 -16.16 20.83
C ARG A 95 -3.59 -15.54 21.65
N ASP A 96 -3.84 -15.22 22.91
CA ASP A 96 -2.80 -14.59 23.71
C ASP A 96 -1.57 -15.47 23.90
N GLN A 97 -1.73 -16.81 23.83
CA GLN A 97 -0.56 -17.69 23.94
C GLN A 97 0.35 -17.56 22.74
N ILE A 98 -0.24 -17.44 21.54
CA ILE A 98 0.56 -17.22 20.34
C ILE A 98 1.29 -15.89 20.43
N VAL A 99 0.58 -14.85 20.89
CA VAL A 99 1.18 -13.53 21.00
C VAL A 99 2.31 -13.53 22.02
N ARG A 100 2.11 -14.25 23.13
CA ARG A 100 3.15 -14.32 24.16
C ARG A 100 4.42 -14.96 23.61
N LEU A 101 4.28 -16.05 22.87
CA LEU A 101 5.42 -16.71 22.25
C LEU A 101 6.24 -15.74 21.42
N ILE A 102 5.56 -14.95 20.58
CA ILE A 102 6.22 -14.01 19.68
C ILE A 102 6.86 -12.88 20.47
N ALA A 103 6.12 -12.30 21.41
CA ALA A 103 6.62 -11.18 22.18
C ALA A 103 7.84 -11.54 23.01
N ASP A 104 7.90 -12.78 23.51
CA ASP A 104 9.07 -13.22 24.26
C ASP A 104 10.33 -13.22 23.41
N LEU A 105 10.20 -13.39 22.09
CA LEU A 105 11.35 -13.39 21.21
C LEU A 105 11.78 -11.99 20.78
N ASP A 106 10.85 -11.04 20.76
CA ASP A 106 11.09 -9.75 20.12
C ASP A 106 12.11 -8.95 20.91
N ARG A 107 13.06 -8.34 20.21
CA ARG A 107 14.22 -7.69 20.84
C ARG A 107 14.84 -6.73 19.84
N PRO A 108 15.26 -5.53 20.24
CA PRO A 108 15.87 -4.60 19.28
C PRO A 108 17.04 -5.26 18.55
N GLY A 109 17.14 -4.98 17.25
CA GLY A 109 18.19 -5.56 16.43
C GLY A 109 17.89 -6.95 15.92
N ARG A 110 16.80 -7.57 16.34
CA ARG A 110 16.47 -8.94 15.98
C ARG A 110 15.33 -8.97 14.98
N LEU A 111 15.46 -9.84 13.97
CA LEU A 111 14.37 -10.19 13.06
C LEU A 111 13.71 -11.45 13.59
N THR A 112 12.45 -11.34 14.01
CA THR A 112 11.65 -12.49 14.43
C THR A 112 10.67 -12.86 13.32
N LEU A 113 10.86 -14.03 12.72
CA LEU A 113 9.97 -14.54 11.68
C LEU A 113 8.94 -15.46 12.32
N VAL A 114 7.65 -15.21 12.02
CA VAL A 114 6.56 -16.00 12.57
C VAL A 114 5.93 -16.77 11.42
N GLU A 115 6.21 -18.07 11.35
CA GLU A 115 5.74 -18.89 10.23
C GLU A 115 4.32 -19.39 10.49
N GLY A 116 3.41 -19.10 9.58
CA GLY A 116 2.06 -19.58 9.72
C GLY A 116 1.92 -21.06 9.38
N ALA A 117 0.72 -21.57 9.60
CA ALA A 117 0.33 -22.92 9.17
C ALA A 117 -0.63 -22.77 8.00
N GLY A 118 -0.28 -23.35 6.85
CA GLY A 118 -1.08 -23.14 5.65
C GLY A 118 -1.09 -21.67 5.27
N GLY A 119 -2.23 -21.23 4.73
CA GLY A 119 -2.41 -19.86 4.28
C GLY A 119 -2.93 -18.91 5.36
N LEU A 120 -3.26 -17.70 4.91
CA LEU A 120 -3.40 -16.57 5.84
C LEU A 120 -4.59 -16.74 6.76
N LEU A 121 -5.73 -17.25 6.23
CA LEU A 121 -6.96 -17.29 7.00
C LEU A 121 -7.20 -18.63 7.68
N VAL A 122 -6.16 -19.47 7.80
CA VAL A 122 -6.26 -20.70 8.56
C VAL A 122 -6.49 -20.38 10.04
N GLU A 123 -7.45 -21.05 10.65
CA GLU A 123 -7.68 -20.87 12.08
C GLU A 123 -6.50 -21.43 12.88
N LEU A 124 -5.90 -20.58 13.72
CA LEU A 124 -4.81 -20.98 14.61
C LEU A 124 -5.24 -21.01 16.07
N ALA A 125 -6.34 -20.34 16.41
CA ALA A 125 -6.86 -20.25 17.77
C ALA A 125 -8.36 -20.02 17.69
N GLU A 126 -9.10 -20.52 18.71
CA GLU A 126 -10.55 -20.29 18.73
C GLU A 126 -10.86 -18.87 19.20
N PRO A 127 -11.95 -18.26 18.68
CA PRO A 127 -12.79 -18.73 17.57
C PRO A 127 -12.41 -18.04 16.26
N GLY A 128 -11.86 -18.79 15.32
CA GLY A 128 -11.52 -18.21 14.03
C GLY A 128 -10.43 -17.16 14.07
N VAL A 129 -9.55 -17.23 15.05
CA VAL A 129 -8.38 -16.34 15.11
C VAL A 129 -7.33 -16.85 14.15
N THR A 130 -6.82 -15.96 13.30
CA THR A 130 -5.87 -16.34 12.25
C THR A 130 -4.55 -15.62 12.45
N LEU A 131 -3.58 -15.97 11.59
CA LEU A 131 -2.30 -15.27 11.57
C LEU A 131 -2.49 -13.79 11.24
N ARG A 132 -3.55 -13.42 10.52
CA ARG A 132 -3.84 -12.01 10.30
C ARG A 132 -4.12 -11.30 11.63
N ASP A 133 -4.94 -11.92 12.48
CA ASP A 133 -5.21 -11.33 13.81
C ASP A 133 -3.94 -11.22 14.63
N VAL A 134 -3.10 -12.24 14.57
CA VAL A 134 -1.85 -12.23 15.33
C VAL A 134 -0.94 -11.11 14.85
N ALA A 135 -0.86 -10.92 13.53
CA ALA A 135 -0.07 -9.83 12.97
C ALA A 135 -0.55 -8.49 13.49
N VAL A 136 -1.87 -8.31 13.61
CA VAL A 136 -2.36 -7.06 14.20
C VAL A 136 -1.91 -6.92 15.64
N ASP A 137 -2.00 -8.01 16.41
CA ASP A 137 -1.67 -7.94 17.84
C ASP A 137 -0.21 -7.53 18.07
N VAL A 138 0.70 -8.01 17.22
CA VAL A 138 2.13 -7.75 17.43
C VAL A 138 2.66 -6.67 16.47
N ALA A 139 1.78 -6.03 15.72
CA ALA A 139 2.13 -4.96 14.77
C ALA A 139 3.16 -5.44 13.76
N ALA A 140 2.98 -6.65 13.23
CA ALA A 140 3.88 -7.20 12.23
C ALA A 140 3.38 -6.96 10.83
N ALA A 141 4.31 -6.74 9.91
CA ALA A 141 3.99 -6.87 8.50
C ALA A 141 4.01 -8.34 8.10
N ALA A 142 3.50 -8.62 6.90
CA ALA A 142 3.35 -9.99 6.42
C ALA A 142 4.10 -10.15 5.10
N LEU A 143 5.00 -11.14 5.06
CA LEU A 143 5.64 -11.58 3.83
C LEU A 143 4.83 -12.75 3.29
N VAL A 144 4.47 -12.70 2.00
CA VAL A 144 3.53 -13.66 1.41
C VAL A 144 4.28 -14.55 0.43
N VAL A 145 4.36 -15.84 0.72
CA VAL A 145 4.97 -16.81 -0.18
C VAL A 145 3.94 -17.28 -1.21
N VAL A 146 4.33 -17.26 -2.48
CA VAL A 146 3.44 -17.60 -3.58
C VAL A 146 4.14 -18.60 -4.48
N THR A 147 3.35 -19.31 -5.28
CA THR A 147 3.95 -20.15 -6.32
C THR A 147 4.05 -19.37 -7.63
N ALA A 148 4.74 -19.98 -8.59
CA ALA A 148 4.78 -19.46 -9.94
C ALA A 148 3.78 -20.17 -10.84
N ASP A 149 2.96 -21.04 -10.29
CA ASP A 149 2.14 -21.95 -11.09
C ASP A 149 0.79 -21.34 -11.42
N LEU A 150 0.13 -21.98 -12.39
CA LEU A 150 -1.21 -21.60 -12.80
C LEU A 150 -2.12 -21.42 -11.59
N GLY A 151 -2.79 -20.27 -11.52
CA GLY A 151 -3.67 -19.92 -10.43
C GLY A 151 -3.08 -19.02 -9.37
N THR A 152 -1.76 -18.73 -9.42
CA THR A 152 -1.13 -18.01 -8.31
C THR A 152 -1.61 -16.55 -8.21
N LEU A 153 -1.96 -15.91 -9.34
CA LEU A 153 -2.31 -14.50 -9.28
C LEU A 153 -3.60 -14.28 -8.50
N ASN A 154 -4.62 -15.11 -8.76
CA ASN A 154 -5.86 -15.02 -8.01
C ASN A 154 -5.63 -15.20 -6.51
N HIS A 155 -4.90 -16.27 -6.15
CA HIS A 155 -4.65 -16.54 -4.73
C HIS A 155 -3.85 -15.42 -4.09
N THR A 156 -2.87 -14.89 -4.81
CA THR A 156 -2.06 -13.79 -4.25
C THR A 156 -2.93 -12.55 -4.03
N LYS A 157 -3.76 -12.19 -5.02
CA LYS A 157 -4.58 -10.99 -4.84
C LYS A 157 -5.59 -11.18 -3.71
N LEU A 158 -6.17 -12.39 -3.61
CA LEU A 158 -7.06 -12.69 -2.50
C LEU A 158 -6.36 -12.49 -1.17
N THR A 159 -5.12 -12.99 -1.06
CA THR A 159 -4.39 -12.90 0.20
C THR A 159 -4.03 -11.44 0.52
N LEU A 160 -3.61 -10.67 -0.50
CA LEU A 160 -3.25 -9.28 -0.23
C LEU A 160 -4.47 -8.44 0.13
N GLU A 161 -5.62 -8.71 -0.50
CA GLU A 161 -6.83 -8.00 -0.10
C GLU A 161 -7.18 -8.30 1.34
N ALA A 162 -7.02 -9.56 1.75
CA ALA A 162 -7.31 -9.92 3.13
C ALA A 162 -6.38 -9.21 4.10
N LEU A 163 -5.09 -9.08 3.76
CA LEU A 163 -4.18 -8.34 4.61
C LEU A 163 -4.62 -6.90 4.75
N ALA A 164 -4.97 -6.28 3.62
CA ALA A 164 -5.34 -4.87 3.65
C ALA A 164 -6.60 -4.64 4.46
N ALA A 165 -7.49 -5.63 4.53
CA ALA A 165 -8.76 -5.46 5.23
C ALA A 165 -8.56 -5.21 6.72
N GLN A 166 -7.46 -5.69 7.29
CA GLN A 166 -7.13 -5.46 8.70
C GLN A 166 -5.91 -4.56 8.88
N GLN A 167 -5.54 -3.83 7.82
CA GLN A 167 -4.42 -2.90 7.86
C GLN A 167 -3.12 -3.58 8.25
N VAL A 168 -2.92 -4.81 7.77
CA VAL A 168 -1.65 -5.49 7.95
C VAL A 168 -0.82 -5.22 6.71
N SER A 169 0.30 -4.52 6.88
CA SER A 169 1.14 -4.17 5.75
C SER A 169 1.71 -5.42 5.11
N CYS A 170 1.83 -5.39 3.78
CA CYS A 170 2.47 -6.48 3.05
C CYS A 170 3.94 -6.14 2.85
N ALA A 171 4.83 -6.99 3.37
CA ALA A 171 6.26 -6.77 3.23
C ALA A 171 6.79 -7.18 1.87
N GLY A 172 5.96 -7.78 1.03
CA GLY A 172 6.37 -8.25 -0.27
C GLY A 172 5.97 -9.69 -0.50
N LEU A 173 6.30 -10.18 -1.69
CA LEU A 173 6.05 -11.55 -2.08
C LEU A 173 7.38 -12.28 -2.24
N VAL A 174 7.36 -13.59 -2.03
CA VAL A 174 8.50 -14.43 -2.40
C VAL A 174 7.96 -15.61 -3.18
N ILE A 175 8.49 -15.84 -4.37
CA ILE A 175 8.17 -17.05 -5.12
C ILE A 175 8.92 -18.21 -4.48
N GLY A 176 8.18 -19.22 -4.02
CA GLY A 176 8.79 -20.27 -3.22
C GLY A 176 9.64 -21.25 -4.02
N SER A 177 9.32 -21.42 -5.30
CA SER A 177 10.05 -22.33 -6.17
C SER A 177 10.01 -21.77 -7.58
N TRP A 178 11.18 -21.41 -8.10
CA TRP A 178 11.28 -20.81 -9.43
C TRP A 178 11.92 -21.82 -10.37
N PRO A 179 11.23 -22.22 -11.43
CA PRO A 179 11.73 -23.29 -12.30
C PRO A 179 12.83 -22.79 -13.23
N ASP A 180 13.72 -23.72 -13.59
CA ASP A 180 14.77 -23.44 -14.56
C ASP A 180 14.76 -24.55 -15.61
N PRO A 181 14.43 -24.23 -16.88
CA PRO A 181 14.04 -22.88 -17.32
C PRO A 181 12.56 -22.60 -17.04
N PRO A 182 12.16 -21.33 -17.04
CA PRO A 182 10.74 -21.01 -16.84
C PRO A 182 9.92 -21.20 -18.11
N GLY A 183 8.76 -21.82 -17.96
CA GLY A 183 7.79 -21.90 -19.02
C GLY A 183 7.06 -20.58 -19.22
N LEU A 184 6.20 -20.54 -20.24
CA LEU A 184 5.45 -19.32 -20.53
C LEU A 184 4.59 -18.89 -19.35
N VAL A 185 3.92 -19.85 -18.71
CA VAL A 185 3.04 -19.53 -17.59
C VAL A 185 3.85 -18.97 -16.43
N ALA A 186 4.95 -19.62 -16.08
CA ALA A 186 5.77 -19.15 -14.96
C ALA A 186 6.33 -17.75 -15.23
N ALA A 187 6.82 -17.52 -16.45
CA ALA A 187 7.36 -16.20 -16.78
C ALA A 187 6.27 -15.14 -16.74
N SER A 188 5.10 -15.46 -17.30
CA SER A 188 3.98 -14.51 -17.26
C SER A 188 3.57 -14.23 -15.82
N ASN A 189 3.50 -15.26 -15.00
CA ASN A 189 3.07 -15.07 -13.62
C ASN A 189 4.07 -14.20 -12.86
N ARG A 190 5.37 -14.39 -13.09
CA ARG A 190 6.35 -13.59 -12.36
C ARG A 190 6.20 -12.11 -12.71
N SER A 191 6.04 -11.79 -14.01
CA SER A 191 5.84 -10.41 -14.39
C SER A 191 4.58 -9.83 -13.75
N ALA A 192 3.49 -10.60 -13.73
CA ALA A 192 2.24 -10.09 -13.18
C ALA A 192 2.30 -9.95 -11.66
N LEU A 193 2.94 -10.90 -10.99
CA LEU A 193 3.11 -10.79 -9.54
C LEU A 193 3.85 -9.51 -9.17
N ALA A 194 4.86 -9.13 -9.95
CA ALA A 194 5.64 -7.93 -9.66
C ALA A 194 4.85 -6.64 -9.87
N ARG A 195 3.74 -6.68 -10.61
CA ARG A 195 2.87 -5.51 -10.69
C ARG A 195 1.92 -5.41 -9.51
N ILE A 196 1.71 -6.51 -8.78
CA ILE A 196 0.81 -6.53 -7.64
C ILE A 196 1.53 -6.06 -6.36
N ALA A 197 2.80 -6.45 -6.20
CA ALA A 197 3.57 -6.11 -5.02
C ALA A 197 5.03 -6.37 -5.33
N MET A 198 5.90 -5.92 -4.42
CA MET A 198 7.33 -6.16 -4.60
C MET A 198 7.62 -7.64 -4.47
N VAL A 199 8.33 -8.20 -5.44
CA VAL A 199 8.77 -9.58 -5.36
C VAL A 199 10.19 -9.58 -4.77
N ARG A 200 10.31 -10.02 -3.51
CA ARG A 200 11.57 -9.89 -2.81
C ARG A 200 12.58 -10.93 -3.23
N ALA A 201 12.11 -12.09 -3.70
CA ALA A 201 13.00 -13.18 -4.10
C ALA A 201 12.18 -14.21 -4.87
N ALA A 202 12.90 -15.01 -5.64
CA ALA A 202 12.31 -16.18 -6.31
C ALA A 202 13.32 -17.29 -6.08
N LEU A 203 13.03 -18.17 -5.13
CA LEU A 203 14.03 -19.16 -4.74
C LEU A 203 14.11 -20.23 -5.83
N PRO A 204 15.31 -20.63 -6.23
CA PRO A 204 15.41 -21.69 -7.24
C PRO A 204 14.75 -22.97 -6.76
N ALA A 205 14.09 -23.65 -7.70
CA ALA A 205 13.53 -24.95 -7.41
C ALA A 205 14.61 -25.87 -6.84
N GLY A 206 14.22 -26.69 -5.86
CA GLY A 206 15.16 -27.58 -5.22
C GLY A 206 15.99 -26.96 -4.11
N ALA A 207 15.74 -25.69 -3.77
CA ALA A 207 16.53 -25.01 -2.74
C ALA A 207 16.51 -25.77 -1.42
N ALA A 208 15.38 -26.39 -1.08
CA ALA A 208 15.29 -27.11 0.19
C ALA A 208 16.19 -28.33 0.23
N SER A 209 16.79 -28.73 -0.90
CA SER A 209 17.70 -29.86 -0.95
C SER A 209 19.16 -29.46 -0.92
N LEU A 210 19.46 -28.16 -0.85
CA LEU A 210 20.85 -27.72 -0.80
C LEU A 210 21.45 -27.98 0.58
N ASP A 211 22.75 -28.26 0.61
CA ASP A 211 23.45 -28.36 1.88
C ASP A 211 23.60 -26.97 2.49
N ALA A 212 24.14 -26.92 3.71
CA ALA A 212 24.18 -25.67 4.46
C ALA A 212 24.91 -24.56 3.70
N GLY A 213 26.08 -24.88 3.14
CA GLY A 213 26.85 -23.86 2.44
C GLY A 213 26.20 -23.38 1.16
N ASP A 214 25.69 -24.32 0.35
CA ASP A 214 25.00 -23.94 -0.88
C ASP A 214 23.71 -23.19 -0.58
N PHE A 215 23.00 -23.59 0.48
CA PHE A 215 21.80 -22.85 0.86
C PHE A 215 22.13 -21.43 1.28
N ALA A 216 23.24 -21.25 2.02
CA ALA A 216 23.63 -19.90 2.42
C ALA A 216 23.94 -19.03 1.21
N ALA A 217 24.66 -19.57 0.23
CA ALA A 217 24.98 -18.80 -0.97
C ALA A 217 23.72 -18.47 -1.77
N MET A 218 22.83 -19.44 -1.92
CA MET A 218 21.57 -19.17 -2.61
C MET A 218 20.81 -18.06 -1.92
N SER A 219 20.77 -18.10 -0.58
CA SER A 219 19.98 -17.13 0.17
C SER A 219 20.52 -15.72 0.03
N ALA A 220 21.85 -15.56 0.08
CA ALA A 220 22.45 -14.24 -0.04
C ALA A 220 22.19 -13.63 -1.40
N ALA A 221 22.21 -14.45 -2.46
CA ALA A 221 21.96 -13.96 -3.81
C ALA A 221 20.48 -13.76 -4.09
N ALA A 222 19.60 -14.41 -3.33
CA ALA A 222 18.18 -14.39 -3.67
C ALA A 222 17.49 -13.08 -3.32
N PHE A 223 17.92 -12.43 -2.24
CA PHE A 223 17.29 -11.21 -1.74
C PHE A 223 18.16 -10.00 -2.03
N ASP A 224 17.53 -8.84 -2.16
CA ASP A 224 18.25 -7.58 -2.24
C ASP A 224 18.86 -7.27 -0.88
N ARG A 225 20.19 -7.09 -0.85
CA ARG A 225 20.91 -6.88 0.40
C ARG A 225 20.40 -5.63 1.13
N ASN A 226 20.06 -4.58 0.38
CA ASN A 226 19.55 -3.36 1.01
C ASN A 226 18.19 -3.58 1.66
N TRP A 227 17.34 -4.42 1.06
CA TRP A 227 16.04 -4.70 1.67
C TRP A 227 16.21 -5.50 2.95
N VAL A 228 17.04 -6.55 2.92
CA VAL A 228 17.25 -7.36 4.11
C VAL A 228 17.84 -6.50 5.23
N ALA A 229 18.87 -5.71 4.91
CA ALA A 229 19.46 -4.85 5.94
C ALA A 229 18.47 -3.81 6.45
N GLY A 230 17.59 -3.32 5.57
CA GLY A 230 16.61 -2.33 5.98
C GLY A 230 15.52 -2.86 6.89
N LEU A 231 15.38 -4.18 7.01
CA LEU A 231 14.30 -4.74 7.81
C LEU A 231 14.47 -4.45 9.30
N VAL A 232 15.71 -4.35 9.77
CA VAL A 232 16.01 -4.26 11.20
C VAL A 232 17.03 -3.15 11.39
N GLY A 233 16.71 -2.22 12.28
CA GLY A 233 17.63 -1.14 12.61
C GLY A 233 18.38 -1.42 13.89
N GLY B 7 -36.28 -8.86 -14.53
CA GLY B 7 -35.65 -10.03 -15.11
C GLY B 7 -35.79 -11.27 -14.25
N GLY B 8 -34.86 -12.22 -14.41
CA GLY B 8 -34.91 -13.45 -13.67
C GLY B 8 -33.86 -13.52 -12.57
N THR B 9 -33.13 -14.63 -12.49
CA THR B 9 -32.07 -14.78 -11.50
C THR B 9 -30.75 -14.96 -12.22
N ILE B 10 -29.80 -14.07 -11.93
CA ILE B 10 -28.43 -14.19 -12.41
C ILE B 10 -27.55 -14.68 -11.26
N LEU B 11 -26.80 -15.75 -11.50
CA LEU B 11 -25.81 -16.27 -10.57
C LEU B 11 -24.47 -16.33 -11.27
N VAL B 12 -23.45 -15.71 -10.70
CA VAL B 12 -22.10 -15.97 -11.20
C VAL B 12 -21.62 -17.25 -10.53
N VAL B 13 -20.93 -18.08 -11.31
CA VAL B 13 -20.35 -19.31 -10.78
C VAL B 13 -18.85 -19.13 -10.83
N THR B 14 -18.25 -18.98 -9.66
CA THR B 14 -16.82 -18.77 -9.53
C THR B 14 -16.22 -20.00 -8.84
N GLY B 15 -14.92 -19.92 -8.57
CA GLY B 15 -14.26 -21.02 -7.88
C GLY B 15 -13.14 -20.47 -7.04
N THR B 16 -12.61 -21.31 -6.15
CA THR B 16 -11.42 -20.92 -5.42
C THR B 16 -10.20 -20.83 -6.31
N GLY B 17 -10.26 -21.38 -7.51
CA GLY B 17 -9.13 -21.35 -8.42
C GLY B 17 -9.51 -21.97 -9.75
N THR B 18 -8.49 -22.41 -10.50
CA THR B 18 -8.76 -23.07 -11.77
C THR B 18 -8.65 -24.58 -11.61
N GLY B 19 -9.42 -25.29 -12.41
CA GLY B 19 -9.42 -26.74 -12.32
C GLY B 19 -10.14 -27.30 -11.10
N VAL B 20 -11.10 -26.57 -10.54
CA VAL B 20 -11.79 -26.99 -9.32
C VAL B 20 -13.17 -27.56 -9.61
N GLY B 21 -13.61 -27.53 -10.85
CA GLY B 21 -14.90 -28.06 -11.24
C GLY B 21 -15.96 -27.05 -11.60
N LYS B 22 -15.58 -25.80 -11.93
CA LYS B 22 -16.59 -24.78 -12.25
C LYS B 22 -17.51 -25.24 -13.37
N THR B 23 -16.95 -25.78 -14.46
CA THR B 23 -17.78 -26.09 -15.61
C THR B 23 -18.75 -27.22 -15.30
N VAL B 24 -18.27 -28.27 -14.63
CA VAL B 24 -19.16 -29.39 -14.33
C VAL B 24 -20.24 -28.96 -13.34
N VAL B 25 -19.91 -28.06 -12.41
CA VAL B 25 -20.93 -27.55 -11.50
C VAL B 25 -21.95 -26.69 -12.25
N CYS B 26 -21.49 -25.80 -13.13
CA CYS B 26 -22.42 -25.08 -14.00
C CYS B 26 -23.37 -26.04 -14.72
N ALA B 27 -22.81 -27.10 -15.33
CA ALA B 27 -23.63 -28.09 -16.00
C ALA B 27 -24.59 -28.77 -15.03
N ALA B 28 -24.10 -29.15 -13.85
CA ALA B 28 -24.95 -29.87 -12.90
C ALA B 28 -26.10 -29.00 -12.41
N LEU B 29 -25.84 -27.73 -12.07
CA LEU B 29 -26.92 -26.88 -11.59
C LEU B 29 -27.89 -26.59 -12.72
N ALA B 30 -27.36 -26.36 -13.92
CA ALA B 30 -28.24 -26.17 -15.08
C ALA B 30 -29.14 -27.38 -15.29
N SER B 31 -28.60 -28.59 -15.18
CA SER B 31 -29.41 -29.79 -15.36
C SER B 31 -30.48 -29.91 -14.28
N ALA B 32 -30.08 -29.70 -13.02
CA ALA B 32 -31.06 -29.74 -11.93
C ALA B 32 -32.16 -28.71 -12.13
N ALA B 33 -31.79 -27.50 -12.56
CA ALA B 33 -32.78 -26.45 -12.76
C ALA B 33 -33.70 -26.78 -13.93
N ARG B 34 -33.13 -27.28 -15.03
CA ARG B 34 -33.98 -27.65 -16.17
C ARG B 34 -34.98 -28.72 -15.77
N GLN B 35 -34.57 -29.67 -14.94
CA GLN B 35 -35.46 -30.73 -14.52
C GLN B 35 -36.55 -30.23 -13.57
N ALA B 36 -36.30 -29.12 -12.88
CA ALA B 36 -37.33 -28.45 -12.09
C ALA B 36 -38.23 -27.55 -12.93
N GLY B 37 -38.06 -27.54 -14.26
CA GLY B 37 -38.88 -26.73 -15.12
C GLY B 37 -38.41 -25.30 -15.31
N ILE B 38 -37.19 -24.98 -14.91
CA ILE B 38 -36.64 -23.63 -15.03
C ILE B 38 -35.89 -23.53 -16.34
N ASP B 39 -36.06 -22.40 -17.05
CA ASP B 39 -35.28 -22.13 -18.25
C ASP B 39 -33.89 -21.67 -17.82
N VAL B 40 -32.85 -22.21 -18.47
CA VAL B 40 -31.48 -21.98 -18.05
C VAL B 40 -30.66 -21.47 -19.23
N ALA B 41 -29.92 -20.39 -19.00
CA ALA B 41 -28.88 -19.95 -19.91
C ALA B 41 -27.54 -19.99 -19.18
N VAL B 42 -26.48 -20.24 -19.93
CA VAL B 42 -25.13 -20.24 -19.36
C VAL B 42 -24.25 -19.37 -20.24
N CYS B 43 -23.50 -18.47 -19.59
CA CYS B 43 -22.63 -17.51 -20.28
C CYS B 43 -21.22 -17.72 -19.75
N LYS B 44 -20.29 -17.99 -20.66
CA LYS B 44 -18.87 -18.04 -20.35
C LYS B 44 -18.24 -16.92 -21.17
N PRO B 45 -18.19 -15.69 -20.64
CA PRO B 45 -17.78 -14.57 -21.49
C PRO B 45 -16.39 -14.73 -22.06
N VAL B 46 -15.44 -15.23 -21.27
CA VAL B 46 -14.07 -15.43 -21.72
C VAL B 46 -13.65 -16.86 -21.45
N GLN B 47 -13.13 -17.52 -22.48
CA GLN B 47 -12.66 -18.90 -22.45
C GLN B 47 -11.21 -18.93 -22.92
N THR B 48 -10.32 -19.60 -22.18
CA THR B 48 -8.97 -19.81 -22.69
C THR B 48 -8.71 -21.31 -22.86
N GLY B 49 -7.51 -21.63 -23.34
CA GLY B 49 -7.13 -23.00 -23.58
C GLY B 49 -7.84 -23.69 -24.73
N THR B 50 -8.27 -22.94 -25.76
CA THR B 50 -9.01 -23.58 -26.84
C THR B 50 -8.13 -24.33 -27.82
N ALA B 51 -6.81 -24.16 -27.76
CA ALA B 51 -5.96 -24.87 -28.71
C ALA B 51 -6.02 -26.37 -28.47
N ARG B 52 -6.04 -26.80 -27.21
CA ARG B 52 -6.11 -28.22 -26.88
C ARG B 52 -7.53 -28.75 -26.84
N GLY B 53 -8.54 -27.89 -27.03
CA GLY B 53 -9.91 -28.31 -27.16
C GLY B 53 -10.86 -27.83 -26.08
N ASP B 54 -10.40 -27.02 -25.13
CA ASP B 54 -11.29 -26.51 -24.09
C ASP B 54 -12.41 -25.68 -24.72
N ASP B 55 -13.66 -26.01 -24.36
CA ASP B 55 -14.85 -25.31 -24.82
C ASP B 55 -15.93 -25.61 -23.79
N ASP B 56 -15.92 -24.82 -22.70
CA ASP B 56 -16.76 -25.15 -21.56
C ASP B 56 -18.25 -25.04 -21.91
N LEU B 57 -18.61 -24.12 -22.79
CA LEU B 57 -20.01 -24.02 -23.21
C LEU B 57 -20.46 -25.29 -23.92
N ALA B 58 -19.61 -25.86 -24.77
CA ALA B 58 -19.97 -27.11 -25.44
C ALA B 58 -20.17 -28.22 -24.44
N GLU B 59 -19.34 -28.27 -23.40
CA GLU B 59 -19.51 -29.29 -22.37
C GLU B 59 -20.82 -29.11 -21.62
N VAL B 60 -21.17 -27.87 -21.25
CA VAL B 60 -22.45 -27.63 -20.61
C VAL B 60 -23.61 -28.07 -21.52
N GLY B 61 -23.50 -27.76 -22.81
CA GLY B 61 -24.54 -28.17 -23.74
C GLY B 61 -24.71 -29.67 -23.80
N ARG B 62 -23.59 -30.41 -23.84
CA ARG B 62 -23.66 -31.86 -23.93
C ARG B 62 -24.15 -32.48 -22.63
N LEU B 63 -23.66 -31.98 -21.49
CA LEU B 63 -24.00 -32.60 -20.22
C LEU B 63 -25.42 -32.29 -19.77
N ALA B 64 -25.87 -31.04 -19.98
CA ALA B 64 -27.12 -30.56 -19.39
C ALA B 64 -28.19 -30.23 -20.42
N GLY B 65 -27.84 -30.19 -21.71
CA GLY B 65 -28.81 -29.90 -22.74
C GLY B 65 -29.13 -28.43 -22.92
N VAL B 66 -28.43 -27.52 -22.24
CA VAL B 66 -28.64 -26.09 -22.40
C VAL B 66 -28.38 -25.68 -23.85
N THR B 67 -29.25 -24.83 -24.39
CA THR B 67 -29.06 -24.29 -25.73
C THR B 67 -28.69 -22.81 -25.73
N GLN B 68 -29.09 -22.04 -24.72
CA GLN B 68 -28.72 -20.64 -24.66
C GLN B 68 -27.33 -20.56 -24.02
N LEU B 69 -26.32 -20.63 -24.87
CA LEU B 69 -24.91 -20.74 -24.50
C LEU B 69 -24.20 -19.55 -25.13
N ALA B 70 -23.77 -18.60 -24.32
CA ALA B 70 -23.31 -17.31 -24.80
C ALA B 70 -21.87 -17.04 -24.37
N GLY B 71 -21.07 -16.55 -25.31
CA GLY B 71 -19.68 -16.21 -25.03
C GLY B 71 -19.22 -15.08 -25.93
N LEU B 72 -18.10 -14.47 -25.56
CA LEU B 72 -17.57 -13.31 -26.26
C LEU B 72 -16.16 -13.51 -26.81
N ALA B 73 -15.31 -14.28 -26.13
CA ALA B 73 -13.92 -14.32 -26.53
C ALA B 73 -13.36 -15.70 -26.22
N ARG B 74 -12.43 -16.13 -27.08
CA ARG B 74 -11.84 -17.46 -26.96
C ARG B 74 -10.35 -17.35 -27.30
N TYR B 75 -9.50 -17.69 -26.33
CA TYR B 75 -8.07 -17.63 -26.58
C TYR B 75 -7.48 -19.02 -26.59
N PRO B 76 -6.53 -19.28 -27.49
CA PRO B 76 -6.00 -20.65 -27.64
C PRO B 76 -5.14 -21.12 -26.47
N GLN B 77 -4.33 -20.25 -25.89
CA GLN B 77 -3.35 -20.72 -24.91
C GLN B 77 -4.02 -21.02 -23.56
N PRO B 78 -3.57 -22.07 -22.87
CA PRO B 78 -4.16 -22.43 -21.56
C PRO B 78 -3.55 -21.59 -20.43
N MET B 79 -3.89 -20.31 -20.42
CA MET B 79 -3.32 -19.34 -19.50
C MET B 79 -4.45 -18.51 -18.92
N ALA B 80 -4.11 -17.72 -17.88
CA ALA B 80 -5.05 -16.71 -17.39
C ALA B 80 -5.49 -15.85 -18.58
N PRO B 81 -6.74 -15.40 -18.61
CA PRO B 81 -7.20 -14.56 -19.75
C PRO B 81 -6.24 -13.45 -20.16
N ALA B 82 -5.74 -12.66 -19.20
CA ALA B 82 -4.86 -11.54 -19.56
C ALA B 82 -3.59 -12.04 -20.26
N ALA B 83 -3.02 -13.14 -19.78
CA ALA B 83 -1.82 -13.69 -20.40
C ALA B 83 -2.13 -14.30 -21.76
N ALA B 84 -3.26 -15.02 -21.86
CA ALA B 84 -3.65 -15.61 -23.14
C ALA B 84 -3.92 -14.53 -24.18
N ALA B 85 -4.54 -13.42 -23.77
CA ALA B 85 -4.77 -12.31 -24.67
C ALA B 85 -3.46 -11.68 -25.10
N GLU B 86 -2.55 -11.45 -24.14
CA GLU B 86 -1.24 -10.89 -24.47
C GLU B 86 -0.50 -11.79 -25.45
N HIS B 87 -0.52 -13.10 -25.21
CA HIS B 87 0.15 -14.04 -26.09
C HIS B 87 -0.43 -13.97 -27.51
N ALA B 88 -1.75 -13.80 -27.62
CA ALA B 88 -2.39 -13.73 -28.92
C ALA B 88 -2.27 -12.37 -29.58
N GLY B 89 -1.81 -11.35 -28.86
CA GLY B 89 -1.71 -10.02 -29.43
C GLY B 89 -3.03 -9.31 -29.57
N MET B 90 -4.03 -9.68 -28.77
CA MET B 90 -5.36 -9.09 -28.85
C MET B 90 -5.87 -8.80 -27.45
N ALA B 91 -6.69 -7.77 -27.33
CA ALA B 91 -7.19 -7.37 -26.02
C ALA B 91 -8.30 -8.31 -25.54
N LEU B 92 -8.51 -8.31 -24.22
CA LEU B 92 -9.71 -8.89 -23.64
C LEU B 92 -10.94 -8.09 -24.08
N PRO B 93 -12.14 -8.66 -23.95
CA PRO B 93 -13.34 -7.88 -24.25
C PRO B 93 -13.50 -6.71 -23.29
N ALA B 94 -14.40 -5.80 -23.67
CA ALA B 94 -14.67 -4.64 -22.84
C ALA B 94 -15.64 -5.00 -21.71
N ARG B 95 -15.49 -4.30 -20.58
CA ARG B 95 -16.42 -4.47 -19.46
C ARG B 95 -17.86 -4.36 -19.92
N ASP B 96 -18.17 -3.35 -20.74
CA ASP B 96 -19.54 -3.15 -21.21
C ASP B 96 -20.07 -4.37 -21.97
N GLN B 97 -19.21 -5.01 -22.76
CA GLN B 97 -19.61 -6.20 -23.51
C GLN B 97 -20.11 -7.28 -22.57
N ILE B 98 -19.35 -7.54 -21.49
CA ILE B 98 -19.70 -8.64 -20.60
C ILE B 98 -20.97 -8.35 -19.84
N VAL B 99 -21.06 -7.15 -19.25
CA VAL B 99 -22.22 -6.81 -18.44
C VAL B 99 -23.49 -6.80 -19.29
N ARG B 100 -23.41 -6.22 -20.49
CA ARG B 100 -24.61 -6.11 -21.31
C ARG B 100 -25.06 -7.48 -21.85
N LEU B 101 -24.10 -8.33 -22.24
CA LEU B 101 -24.44 -9.68 -22.68
C LEU B 101 -25.24 -10.41 -21.60
N ILE B 102 -24.76 -10.33 -20.36
CA ILE B 102 -25.44 -11.00 -19.25
C ILE B 102 -26.83 -10.42 -19.01
N ALA B 103 -26.92 -9.08 -18.95
CA ALA B 103 -28.20 -8.43 -18.74
C ALA B 103 -29.19 -8.78 -19.84
N ASP B 104 -28.70 -8.91 -21.08
CA ASP B 104 -29.57 -9.26 -22.21
C ASP B 104 -30.04 -10.72 -22.14
N LEU B 105 -29.21 -11.62 -21.60
CA LEU B 105 -29.59 -13.01 -21.42
C LEU B 105 -30.67 -13.15 -20.36
N ASP B 106 -30.58 -12.33 -19.32
CA ASP B 106 -31.47 -12.41 -18.18
C ASP B 106 -32.91 -12.10 -18.58
N ARG B 107 -33.85 -12.90 -18.09
CA ARG B 107 -35.26 -12.69 -18.39
C ARG B 107 -36.08 -13.37 -17.30
N PRO B 108 -37.32 -12.92 -17.09
CA PRO B 108 -38.16 -13.53 -16.05
C PRO B 108 -38.34 -15.03 -16.30
N GLY B 109 -38.30 -15.80 -15.22
CA GLY B 109 -38.41 -17.25 -15.30
C GLY B 109 -37.14 -17.98 -15.68
N ARG B 110 -36.04 -17.27 -15.86
CA ARG B 110 -34.78 -17.85 -16.32
C ARG B 110 -33.73 -17.78 -15.23
N LEU B 111 -32.95 -18.85 -15.11
CA LEU B 111 -31.72 -18.86 -14.33
C LEU B 111 -30.56 -18.69 -15.29
N THR B 112 -29.83 -17.58 -15.17
CA THR B 112 -28.67 -17.29 -16.01
C THR B 112 -27.43 -17.51 -15.17
N LEU B 113 -26.63 -18.51 -15.55
CA LEU B 113 -25.37 -18.80 -14.88
C LEU B 113 -24.21 -18.18 -15.64
N VAL B 114 -23.34 -17.45 -14.93
CA VAL B 114 -22.21 -16.78 -15.54
C VAL B 114 -20.93 -17.46 -15.03
N GLU B 115 -20.25 -18.20 -15.91
CA GLU B 115 -19.09 -18.97 -15.49
C GLU B 115 -17.83 -18.12 -15.66
N GLY B 116 -17.09 -17.94 -14.56
CA GLY B 116 -15.83 -17.24 -14.64
C GLY B 116 -14.72 -18.11 -15.22
N ALA B 117 -13.57 -17.48 -15.43
CA ALA B 117 -12.33 -18.17 -15.78
C ALA B 117 -11.44 -18.13 -14.56
N GLY B 118 -10.93 -19.30 -14.15
CA GLY B 118 -10.20 -19.35 -12.89
C GLY B 118 -11.05 -18.85 -11.73
N GLY B 119 -10.39 -18.26 -10.75
CA GLY B 119 -11.04 -17.78 -9.54
C GLY B 119 -11.59 -16.36 -9.63
N LEU B 120 -11.99 -15.85 -8.46
CA LEU B 120 -12.86 -14.68 -8.41
C LEU B 120 -12.16 -13.40 -8.87
N LEU B 121 -10.87 -13.23 -8.56
CA LEU B 121 -10.18 -11.97 -8.84
C LEU B 121 -9.39 -12.03 -10.14
N VAL B 122 -9.70 -12.98 -11.02
CA VAL B 122 -9.07 -13.06 -12.32
C VAL B 122 -9.56 -11.93 -13.22
N GLU B 123 -8.65 -11.28 -13.93
CA GLU B 123 -9.03 -10.22 -14.86
C GLU B 123 -9.75 -10.83 -16.08
N LEU B 124 -10.96 -10.35 -16.36
CA LEU B 124 -11.75 -10.81 -17.50
C LEU B 124 -11.92 -9.76 -18.59
N ALA B 125 -11.89 -8.49 -18.22
CA ALA B 125 -12.05 -7.41 -19.17
C ALA B 125 -11.06 -6.30 -18.84
N GLU B 126 -10.77 -5.50 -19.86
CA GLU B 126 -9.92 -4.33 -19.69
C GLU B 126 -10.66 -3.24 -18.93
N PRO B 127 -9.99 -2.52 -18.02
CA PRO B 127 -8.68 -2.81 -17.45
C PRO B 127 -8.81 -3.29 -15.99
N GLY B 128 -8.47 -4.54 -15.75
CA GLY B 128 -8.52 -5.07 -14.40
C GLY B 128 -9.91 -5.37 -13.88
N VAL B 129 -10.87 -5.63 -14.77
CA VAL B 129 -12.25 -5.92 -14.38
C VAL B 129 -12.41 -7.41 -14.14
N THR B 130 -13.00 -7.78 -13.01
CA THR B 130 -13.13 -9.17 -12.60
C THR B 130 -14.59 -9.61 -12.61
N LEU B 131 -14.78 -10.91 -12.42
CA LEU B 131 -16.13 -11.44 -12.24
C LEU B 131 -16.83 -10.82 -11.03
N ARG B 132 -16.06 -10.45 -9.99
CA ARG B 132 -16.67 -9.77 -8.86
C ARG B 132 -17.26 -8.43 -9.29
N ASP B 133 -16.51 -7.65 -10.08
CA ASP B 133 -17.02 -6.38 -10.60
C ASP B 133 -18.28 -6.61 -11.44
N VAL B 134 -18.26 -7.63 -12.29
CA VAL B 134 -19.41 -7.98 -13.11
C VAL B 134 -20.61 -8.33 -12.24
N ALA B 135 -20.39 -9.12 -11.19
CA ALA B 135 -21.48 -9.51 -10.30
C ALA B 135 -22.13 -8.28 -9.66
N VAL B 136 -21.31 -7.29 -9.27
CA VAL B 136 -21.85 -6.04 -8.74
C VAL B 136 -22.72 -5.35 -9.78
N ASP B 137 -22.21 -5.26 -11.02
CA ASP B 137 -22.89 -4.51 -12.08
C ASP B 137 -24.24 -5.12 -12.44
N VAL B 138 -24.35 -6.45 -12.46
CA VAL B 138 -25.61 -7.08 -12.85
C VAL B 138 -26.42 -7.54 -11.66
N ALA B 139 -25.98 -7.22 -10.43
CA ALA B 139 -26.69 -7.55 -9.19
C ALA B 139 -26.89 -9.06 -9.03
N ALA B 140 -25.82 -9.82 -9.27
CA ALA B 140 -25.85 -11.27 -9.16
C ALA B 140 -25.20 -11.71 -7.86
N ALA B 141 -25.75 -12.77 -7.26
CA ALA B 141 -25.06 -13.47 -6.20
C ALA B 141 -24.04 -14.42 -6.81
N ALA B 142 -23.18 -15.00 -5.96
CA ALA B 142 -22.09 -15.85 -6.42
C ALA B 142 -22.17 -17.23 -5.79
N LEU B 143 -22.12 -18.25 -6.64
CA LEU B 143 -21.94 -19.62 -6.20
C LEU B 143 -20.46 -19.96 -6.33
N VAL B 144 -19.87 -20.53 -5.26
CA VAL B 144 -18.43 -20.71 -5.18
C VAL B 144 -18.13 -22.20 -5.24
N VAL B 145 -17.39 -22.60 -6.28
CA VAL B 145 -16.97 -24.00 -6.43
C VAL B 145 -15.65 -24.20 -5.68
N VAL B 146 -15.60 -25.24 -4.85
CA VAL B 146 -14.46 -25.50 -3.98
C VAL B 146 -14.06 -26.95 -4.14
N THR B 147 -12.81 -27.24 -3.75
CA THR B 147 -12.41 -28.64 -3.71
C THR B 147 -12.62 -29.22 -2.32
N ALA B 148 -12.48 -30.53 -2.22
CA ALA B 148 -12.47 -31.20 -0.94
C ALA B 148 -11.06 -31.39 -0.38
N ASP B 149 -10.04 -30.84 -1.06
CA ASP B 149 -8.67 -31.25 -0.78
C ASP B 149 -7.98 -30.31 0.22
N LEU B 150 -6.83 -30.77 0.69
CA LEU B 150 -6.00 -29.97 1.59
C LEU B 150 -5.82 -28.54 1.06
N GLY B 151 -6.10 -27.56 1.91
CA GLY B 151 -5.99 -26.17 1.54
C GLY B 151 -7.30 -25.50 1.17
N THR B 152 -8.38 -26.27 1.01
CA THR B 152 -9.62 -25.67 0.50
C THR B 152 -10.23 -24.65 1.47
N LEU B 153 -10.07 -24.84 2.78
CA LEU B 153 -10.73 -23.96 3.73
C LEU B 153 -10.19 -22.54 3.63
N ASN B 154 -8.86 -22.40 3.59
CA ASN B 154 -8.24 -21.08 3.43
C ASN B 154 -8.71 -20.41 2.15
N HIS B 155 -8.64 -21.13 1.02
CA HIS B 155 -9.04 -20.55 -0.25
C HIS B 155 -10.51 -20.18 -0.26
N THR B 156 -11.37 -21.00 0.36
CA THR B 156 -12.80 -20.67 0.44
C THR B 156 -13.03 -19.43 1.29
N LYS B 157 -12.40 -19.36 2.47
CA LYS B 157 -12.56 -18.19 3.32
C LYS B 157 -12.07 -16.91 2.63
N LEU B 158 -10.92 -17.00 1.94
CA LEU B 158 -10.42 -15.85 1.19
C LEU B 158 -11.42 -15.40 0.13
N THR B 159 -12.02 -16.36 -0.59
CA THR B 159 -12.96 -16.01 -1.67
C THR B 159 -14.23 -15.42 -1.08
N LEU B 160 -14.72 -15.97 0.03
CA LEU B 160 -15.92 -15.42 0.65
C LEU B 160 -15.68 -14.01 1.19
N GLU B 161 -14.51 -13.75 1.80
CA GLU B 161 -14.20 -12.40 2.26
C GLU B 161 -14.20 -11.42 1.09
N ALA B 162 -13.65 -11.84 -0.06
CA ALA B 162 -13.59 -10.95 -1.21
C ALA B 162 -14.98 -10.64 -1.76
N LEU B 163 -15.89 -11.63 -1.74
CA LEU B 163 -17.27 -11.37 -2.14
C LEU B 163 -17.92 -10.36 -1.20
N ALA B 164 -17.78 -10.58 0.11
CA ALA B 164 -18.39 -9.68 1.08
C ALA B 164 -17.82 -8.27 0.97
N ALA B 165 -16.54 -8.14 0.60
CA ALA B 165 -15.91 -6.82 0.55
C ALA B 165 -16.56 -5.91 -0.49
N GLN B 166 -17.19 -6.48 -1.52
CA GLN B 166 -17.90 -5.70 -2.53
C GLN B 166 -19.40 -5.96 -2.48
N GLN B 167 -19.88 -6.45 -1.34
CA GLN B 167 -21.31 -6.67 -1.08
C GLN B 167 -21.95 -7.56 -2.15
N VAL B 168 -21.24 -8.61 -2.55
CA VAL B 168 -21.81 -9.65 -3.41
C VAL B 168 -22.26 -10.79 -2.51
N SER B 169 -23.54 -11.13 -2.59
CA SER B 169 -24.09 -12.20 -1.78
C SER B 169 -23.52 -13.56 -2.22
N CYS B 170 -23.25 -14.43 -1.26
CA CYS B 170 -22.82 -15.79 -1.55
C CYS B 170 -24.03 -16.71 -1.57
N ALA B 171 -24.26 -17.38 -2.70
CA ALA B 171 -25.39 -18.29 -2.84
C ALA B 171 -25.09 -19.68 -2.29
N GLY B 172 -23.87 -19.93 -1.86
CA GLY B 172 -23.47 -21.21 -1.32
C GLY B 172 -22.20 -21.71 -1.98
N LEU B 173 -21.78 -22.91 -1.54
CA LEU B 173 -20.62 -23.61 -2.08
C LEU B 173 -21.08 -24.86 -2.82
N VAL B 174 -20.26 -25.30 -3.77
CA VAL B 174 -20.40 -26.64 -4.34
C VAL B 174 -19.02 -27.28 -4.34
N ILE B 175 -18.92 -28.50 -3.80
CA ILE B 175 -17.70 -29.27 -3.92
C ILE B 175 -17.65 -29.88 -5.32
N GLY B 176 -16.62 -29.51 -6.09
CA GLY B 176 -16.61 -29.87 -7.50
C GLY B 176 -16.32 -31.34 -7.77
N SER B 177 -15.64 -32.00 -6.84
CA SER B 177 -15.30 -33.40 -7.03
C SER B 177 -15.22 -34.04 -5.65
N TRP B 178 -16.13 -34.97 -5.37
CA TRP B 178 -16.15 -35.64 -4.10
C TRP B 178 -15.49 -37.00 -4.25
N PRO B 179 -14.38 -37.27 -3.57
CA PRO B 179 -13.58 -38.47 -3.87
C PRO B 179 -14.26 -39.73 -3.37
N ASP B 180 -13.83 -40.86 -3.95
CA ASP B 180 -14.30 -42.16 -3.49
C ASP B 180 -13.14 -43.15 -3.40
N PRO B 181 -12.83 -43.65 -2.20
CA PRO B 181 -13.47 -43.28 -0.93
C PRO B 181 -12.97 -41.91 -0.46
N PRO B 182 -13.74 -41.22 0.40
CA PRO B 182 -13.43 -39.82 0.73
C PRO B 182 -12.04 -39.62 1.33
N GLY B 183 -11.79 -40.20 2.50
CA GLY B 183 -10.57 -39.96 3.25
C GLY B 183 -10.79 -38.97 4.38
N LEU B 184 -9.87 -39.00 5.36
CA LEU B 184 -10.04 -38.19 6.57
C LEU B 184 -10.03 -36.70 6.24
N VAL B 185 -9.14 -36.26 5.35
CA VAL B 185 -9.07 -34.82 5.04
C VAL B 185 -10.33 -34.37 4.31
N ALA B 186 -10.77 -35.11 3.30
CA ALA B 186 -11.97 -34.74 2.57
C ALA B 186 -13.18 -34.72 3.49
N ALA B 187 -13.31 -35.72 4.36
CA ALA B 187 -14.42 -35.74 5.29
C ALA B 187 -14.37 -34.57 6.25
N SER B 188 -13.19 -34.29 6.80
CA SER B 188 -13.03 -33.16 7.69
C SER B 188 -13.35 -31.85 6.97
N ASN B 189 -12.88 -31.72 5.72
CA ASN B 189 -13.13 -30.49 4.99
C ASN B 189 -14.61 -30.30 4.68
N ARG B 190 -15.32 -31.38 4.34
CA ARG B 190 -16.74 -31.23 4.07
C ARG B 190 -17.49 -30.71 5.28
N SER B 191 -17.14 -31.19 6.48
CA SER B 191 -17.77 -30.68 7.69
C SER B 191 -17.40 -29.22 7.93
N ALA B 192 -16.12 -28.88 7.73
CA ALA B 192 -15.66 -27.52 7.99
C ALA B 192 -16.24 -26.52 6.99
N LEU B 193 -16.34 -26.92 5.72
CA LEU B 193 -16.92 -26.06 4.70
C LEU B 193 -18.36 -25.67 5.07
N ALA B 194 -19.12 -26.61 5.60
CA ALA B 194 -20.50 -26.32 6.01
C ALA B 194 -20.56 -25.36 7.18
N ARG B 195 -19.49 -25.22 7.96
CA ARG B 195 -19.43 -24.20 8.99
C ARG B 195 -19.16 -22.81 8.42
N ILE B 196 -18.76 -22.72 7.16
CA ILE B 196 -18.43 -21.46 6.51
C ILE B 196 -19.59 -20.94 5.66
N ALA B 197 -20.31 -21.84 4.99
CA ALA B 197 -21.41 -21.46 4.11
C ALA B 197 -22.22 -22.72 3.81
N MET B 198 -23.40 -22.52 3.21
CA MET B 198 -24.21 -23.66 2.81
C MET B 198 -23.49 -24.46 1.72
N VAL B 199 -23.33 -25.76 1.93
CA VAL B 199 -22.82 -26.66 0.89
C VAL B 199 -24.04 -27.16 0.09
N ARG B 200 -24.18 -26.66 -1.14
CA ARG B 200 -25.38 -26.95 -1.92
C ARG B 200 -25.31 -28.32 -2.60
N ALA B 201 -24.10 -28.80 -2.89
CA ALA B 201 -23.93 -30.09 -3.52
C ALA B 201 -22.47 -30.49 -3.40
N ALA B 202 -22.21 -31.79 -3.56
CA ALA B 202 -20.86 -32.33 -3.70
C ALA B 202 -20.92 -33.31 -4.85
N LEU B 203 -20.38 -32.94 -6.00
CA LEU B 203 -20.52 -33.76 -7.20
C LEU B 203 -19.57 -34.94 -7.13
N PRO B 204 -20.05 -36.18 -7.35
CA PRO B 204 -19.15 -37.33 -7.30
C PRO B 204 -17.98 -37.18 -8.27
N ALA B 205 -16.82 -37.64 -7.82
CA ALA B 205 -15.66 -37.67 -8.70
C ALA B 205 -15.99 -38.45 -9.97
N GLY B 206 -15.57 -37.90 -11.11
CA GLY B 206 -15.80 -38.52 -12.40
C GLY B 206 -17.08 -38.09 -13.09
N ALA B 207 -17.88 -37.23 -12.46
CA ALA B 207 -19.19 -36.87 -13.01
C ALA B 207 -19.06 -36.23 -14.39
N ALA B 208 -17.95 -35.57 -14.67
CA ALA B 208 -17.79 -34.90 -15.97
C ALA B 208 -17.74 -35.88 -17.14
N SER B 209 -17.54 -37.16 -16.89
CA SER B 209 -17.45 -38.17 -17.94
C SER B 209 -18.78 -38.85 -18.23
N LEU B 210 -19.85 -38.52 -17.49
CA LEU B 210 -21.14 -39.16 -17.65
C LEU B 210 -21.80 -38.75 -18.96
N ASP B 211 -22.63 -39.65 -19.50
CA ASP B 211 -23.44 -39.25 -20.64
C ASP B 211 -24.59 -38.38 -20.15
N ALA B 212 -25.34 -37.80 -21.08
CA ALA B 212 -26.33 -36.80 -20.70
C ALA B 212 -27.38 -37.37 -19.75
N GLY B 213 -27.86 -38.59 -20.03
CA GLY B 213 -28.88 -39.16 -19.16
C GLY B 213 -28.37 -39.44 -17.77
N ASP B 214 -27.18 -40.03 -17.68
CA ASP B 214 -26.58 -40.33 -16.38
C ASP B 214 -26.25 -39.04 -15.63
N PHE B 215 -25.77 -38.03 -16.36
CA PHE B 215 -25.45 -36.74 -15.72
C PHE B 215 -26.70 -36.06 -15.18
N ALA B 216 -27.82 -36.18 -15.90
CA ALA B 216 -29.06 -35.59 -15.41
C ALA B 216 -29.51 -36.26 -14.12
N ALA B 217 -29.41 -37.60 -14.06
CA ALA B 217 -29.79 -38.30 -12.85
C ALA B 217 -28.91 -37.89 -11.67
N MET B 218 -27.59 -37.87 -11.90
CA MET B 218 -26.66 -37.38 -10.88
C MET B 218 -27.03 -35.98 -10.42
N SER B 219 -27.28 -35.07 -11.36
CA SER B 219 -27.52 -33.66 -11.03
C SER B 219 -28.79 -33.48 -10.19
N ALA B 220 -29.87 -34.17 -10.56
CA ALA B 220 -31.11 -34.02 -9.83
C ALA B 220 -30.98 -34.49 -8.39
N ALA B 221 -30.14 -35.51 -8.17
CA ALA B 221 -29.95 -36.02 -6.82
C ALA B 221 -28.94 -35.22 -6.02
N ALA B 222 -28.10 -34.43 -6.68
CA ALA B 222 -27.00 -33.76 -6.01
C ALA B 222 -27.46 -32.49 -5.28
N PHE B 223 -28.52 -31.84 -5.76
CA PHE B 223 -29.00 -30.59 -5.20
C PHE B 223 -30.34 -30.79 -4.53
N ASP B 224 -30.56 -30.02 -3.45
CA ASP B 224 -31.88 -29.99 -2.82
C ASP B 224 -32.88 -29.40 -3.79
N ARG B 225 -33.94 -30.15 -4.11
CA ARG B 225 -34.90 -29.69 -5.11
C ARG B 225 -35.58 -28.39 -4.69
N ASN B 226 -35.78 -28.18 -3.39
CA ASN B 226 -36.43 -26.96 -2.93
C ASN B 226 -35.53 -25.75 -3.10
N TRP B 227 -34.21 -25.91 -2.93
CA TRP B 227 -33.32 -24.78 -3.15
C TRP B 227 -33.28 -24.40 -4.61
N VAL B 228 -33.18 -25.39 -5.50
CA VAL B 228 -33.13 -25.12 -6.94
C VAL B 228 -34.39 -24.38 -7.37
N ALA B 229 -35.56 -24.92 -7.01
CA ALA B 229 -36.82 -24.28 -7.38
C ALA B 229 -36.92 -22.86 -6.82
N GLY B 230 -36.38 -22.63 -5.63
CA GLY B 230 -36.40 -21.31 -5.03
C GLY B 230 -35.51 -20.29 -5.71
N LEU B 231 -34.63 -20.72 -6.63
CA LEU B 231 -33.68 -19.79 -7.22
C LEU B 231 -34.36 -18.78 -8.13
N VAL B 232 -35.49 -19.15 -8.74
CA VAL B 232 -36.20 -18.27 -9.66
C VAL B 232 -37.63 -18.05 -9.19
N HIS C 5 18.08 -2.90 -18.47
CA HIS C 5 18.30 -2.00 -19.60
C HIS C 5 17.15 -2.03 -20.58
N HIS C 6 16.07 -2.71 -20.21
CA HIS C 6 14.95 -2.85 -21.12
C HIS C 6 14.21 -1.51 -21.25
N GLY C 7 13.49 -1.38 -22.38
CA GLY C 7 12.65 -0.22 -22.61
C GLY C 7 13.42 1.07 -22.75
N GLY C 8 12.76 2.17 -22.42
CA GLY C 8 13.40 3.46 -22.47
C GLY C 8 13.63 4.05 -21.10
N THR C 9 13.36 5.34 -20.95
CA THR C 9 13.54 6.00 -19.67
C THR C 9 12.17 6.42 -19.14
N ILE C 10 11.84 5.92 -17.95
CA ILE C 10 10.68 6.38 -17.20
C ILE C 10 11.18 7.32 -16.11
N LEU C 11 10.54 8.47 -15.98
CA LEU C 11 10.91 9.45 -14.97
C LEU C 11 9.62 9.90 -14.32
N VAL C 12 9.50 9.68 -13.00
CA VAL C 12 8.34 10.24 -12.31
C VAL C 12 8.63 11.70 -11.99
N VAL C 13 7.61 12.52 -12.14
CA VAL C 13 7.71 13.94 -11.84
C VAL C 13 6.84 14.17 -10.62
N THR C 14 7.46 14.41 -9.49
CA THR C 14 6.76 14.64 -8.25
C THR C 14 6.97 16.09 -7.81
N GLY C 15 6.50 16.43 -6.62
CA GLY C 15 6.67 17.77 -6.11
C GLY C 15 6.74 17.73 -4.60
N THR C 16 7.13 18.86 -4.02
CA THR C 16 7.06 18.96 -2.56
C THR C 16 5.64 18.98 -2.06
N GLY C 17 4.67 19.21 -2.95
CA GLY C 17 3.28 19.29 -2.54
C GLY C 17 2.38 19.51 -3.73
N THR C 18 1.24 20.14 -3.50
CA THR C 18 0.32 20.41 -4.59
C THR C 18 0.37 21.89 -4.97
N GLY C 19 0.17 22.17 -6.25
CA GLY C 19 0.23 23.54 -6.73
C GLY C 19 1.61 24.13 -6.83
N VAL C 20 2.65 23.29 -6.96
CA VAL C 20 4.02 23.75 -6.97
C VAL C 20 4.62 23.82 -8.37
N GLY C 21 3.91 23.34 -9.38
CA GLY C 21 4.37 23.43 -10.75
C GLY C 21 4.63 22.13 -11.47
N LYS C 22 4.15 20.99 -10.94
CA LYS C 22 4.40 19.70 -11.59
C LYS C 22 3.95 19.70 -13.05
N THR C 23 2.76 20.22 -13.32
CA THR C 23 2.19 20.12 -14.67
C THR C 23 2.99 20.95 -15.65
N VAL C 24 3.28 22.21 -15.29
CA VAL C 24 4.03 23.07 -16.20
C VAL C 24 5.46 22.54 -16.34
N VAL C 25 6.02 21.91 -15.31
CA VAL C 25 7.34 21.31 -15.45
C VAL C 25 7.30 20.10 -16.38
N CYS C 26 6.28 19.24 -16.23
CA CYS C 26 6.13 18.14 -17.18
C CYS C 26 6.05 18.65 -18.60
N ALA C 27 5.24 19.69 -18.82
CA ALA C 27 5.12 20.28 -20.15
C ALA C 27 6.46 20.83 -20.64
N ALA C 28 7.19 21.53 -19.76
CA ALA C 28 8.44 22.14 -20.19
C ALA C 28 9.49 21.09 -20.52
N LEU C 29 9.63 20.07 -19.68
CA LEU C 29 10.57 19.00 -19.98
C LEU C 29 10.16 18.23 -21.24
N ALA C 30 8.87 17.93 -21.39
CA ALA C 30 8.41 17.26 -22.60
C ALA C 30 8.75 18.08 -23.83
N SER C 31 8.55 19.40 -23.77
CA SER C 31 8.89 20.25 -24.90
C SER C 31 10.39 20.24 -25.18
N ALA C 32 11.20 20.41 -24.13
CA ALA C 32 12.65 20.37 -24.29
C ALA C 32 13.10 19.04 -24.88
N ALA C 33 12.48 17.94 -24.45
CA ALA C 33 12.86 16.63 -24.96
C ALA C 33 12.41 16.46 -26.41
N ARG C 34 11.20 16.92 -26.74
CA ARG C 34 10.76 16.87 -28.13
C ARG C 34 11.68 17.68 -29.04
N GLN C 35 12.16 18.83 -28.55
CA GLN C 35 13.06 19.64 -29.36
C GLN C 35 14.46 19.03 -29.46
N ALA C 36 14.80 18.10 -28.58
CA ALA C 36 16.03 17.34 -28.69
C ALA C 36 15.86 16.06 -29.51
N GLY C 37 14.70 15.89 -30.15
CA GLY C 37 14.46 14.72 -30.98
C GLY C 37 13.98 13.48 -30.25
N ILE C 38 13.67 13.59 -28.96
CA ILE C 38 13.26 12.47 -28.13
C ILE C 38 11.76 12.21 -28.32
N ASP C 39 11.40 10.94 -28.42
CA ASP C 39 10.01 10.51 -28.38
C ASP C 39 9.51 10.59 -26.93
N VAL C 40 8.46 11.38 -26.69
CA VAL C 40 8.02 11.70 -25.33
C VAL C 40 6.57 11.26 -25.16
N ALA C 41 6.30 10.56 -24.07
CA ALA C 41 4.95 10.28 -23.61
C ALA C 41 4.78 10.83 -22.21
N VAL C 42 3.56 11.27 -21.88
CA VAL C 42 3.25 11.79 -20.55
C VAL C 42 2.06 11.03 -20.00
N CYS C 43 2.15 10.62 -18.74
CA CYS C 43 1.18 9.78 -18.07
C CYS C 43 0.74 10.48 -16.79
N LYS C 44 -0.56 10.57 -16.56
CA LYS C 44 -1.12 11.12 -15.32
C LYS C 44 -2.03 10.04 -14.77
N PRO C 45 -1.51 9.10 -13.98
CA PRO C 45 -2.35 7.95 -13.59
C PRO C 45 -3.53 8.33 -12.73
N VAL C 46 -3.43 9.39 -11.95
CA VAL C 46 -4.52 9.85 -11.09
C VAL C 46 -4.69 11.34 -11.28
N GLN C 47 -5.89 11.76 -11.69
CA GLN C 47 -6.23 13.16 -11.90
C GLN C 47 -7.45 13.50 -11.05
N THR C 48 -7.32 14.46 -10.14
CA THR C 48 -8.47 14.97 -9.42
C THR C 48 -8.80 16.38 -9.90
N GLY C 49 -9.92 16.91 -9.42
CA GLY C 49 -10.24 18.29 -9.71
C GLY C 49 -10.90 18.55 -11.06
N THR C 50 -11.46 17.53 -11.73
CA THR C 50 -12.12 17.83 -13.01
C THR C 50 -13.31 18.76 -12.83
N ALA C 51 -13.91 18.81 -11.64
CA ALA C 51 -15.00 19.74 -11.40
C ALA C 51 -14.56 21.20 -11.45
N ARG C 52 -13.28 21.46 -11.22
CA ARG C 52 -12.71 22.79 -11.34
C ARG C 52 -12.25 23.09 -12.76
N GLY C 53 -12.28 22.10 -13.64
CA GLY C 53 -11.80 22.25 -15.00
C GLY C 53 -10.44 21.65 -15.27
N ASP C 54 -9.76 21.13 -14.23
CA ASP C 54 -8.39 20.67 -14.37
C ASP C 54 -8.29 19.47 -15.30
N ASP C 55 -7.24 19.47 -16.12
CA ASP C 55 -6.87 18.28 -16.89
C ASP C 55 -5.40 18.48 -17.26
N ASP C 56 -4.52 17.87 -16.48
CA ASP C 56 -3.09 18.14 -16.64
C ASP C 56 -2.57 17.60 -17.97
N LEU C 57 -3.08 16.44 -18.40
CA LEU C 57 -2.67 15.88 -19.70
C LEU C 57 -3.05 16.83 -20.83
N ALA C 58 -4.28 17.34 -20.80
CA ALA C 58 -4.71 18.30 -21.82
C ALA C 58 -3.83 19.52 -21.82
N GLU C 59 -3.47 20.01 -20.63
CA GLU C 59 -2.60 21.18 -20.52
C GLU C 59 -1.21 20.89 -21.08
N VAL C 60 -0.64 19.73 -20.74
CA VAL C 60 0.64 19.35 -21.33
C VAL C 60 0.55 19.28 -22.84
N GLY C 61 -0.52 18.66 -23.35
CA GLY C 61 -0.70 18.58 -24.79
C GLY C 61 -0.81 19.96 -25.42
N ARG C 62 -1.54 20.87 -24.77
N ARG C 62 -1.51 20.87 -24.76
CA ARG C 62 -1.70 22.21 -25.31
CA ARG C 62 -1.71 22.22 -25.29
C ARG C 62 -0.38 22.99 -25.29
C ARG C 62 -0.41 23.04 -25.25
N LEU C 63 0.39 22.87 -24.20
CA LEU C 63 1.61 23.66 -24.06
C LEU C 63 2.77 23.10 -24.85
N ALA C 64 2.96 21.78 -24.83
CA ALA C 64 4.16 21.17 -25.38
C ALA C 64 3.93 20.46 -26.71
N GLY C 65 2.68 20.26 -27.11
CA GLY C 65 2.41 19.55 -28.35
C GLY C 65 2.50 18.05 -28.25
N VAL C 66 2.56 17.50 -27.04
CA VAL C 66 2.56 16.05 -26.85
C VAL C 66 1.19 15.49 -27.18
N THR C 67 1.16 14.45 -28.02
CA THR C 67 -0.07 13.71 -28.29
C THR C 67 -0.13 12.36 -27.61
N GLN C 68 1.02 11.84 -27.18
CA GLN C 68 1.09 10.56 -26.49
C GLN C 68 0.83 10.81 -25.01
N LEU C 69 -0.45 10.82 -24.67
CA LEU C 69 -0.96 11.19 -23.35
C LEU C 69 -1.80 10.03 -22.83
N ALA C 70 -1.56 9.62 -21.58
CA ALA C 70 -2.21 8.44 -21.03
C ALA C 70 -2.71 8.73 -19.62
N GLY C 71 -4.03 8.61 -19.44
CA GLY C 71 -4.66 8.71 -18.14
C GLY C 71 -5.19 7.37 -17.68
N LEU C 72 -5.74 7.38 -16.46
CA LEU C 72 -6.34 6.17 -15.91
C LEU C 72 -7.52 6.49 -15.00
N ALA C 73 -7.25 7.08 -13.85
CA ALA C 73 -8.29 7.44 -12.89
C ALA C 73 -8.54 8.94 -12.91
N ARG C 74 -9.83 9.33 -12.91
CA ARG C 74 -10.21 10.73 -12.90
C ARG C 74 -11.33 10.95 -11.89
N TYR C 75 -11.22 12.01 -11.09
CA TYR C 75 -12.21 12.32 -10.06
C TYR C 75 -12.59 13.79 -10.12
N PRO C 76 -13.86 14.14 -9.84
CA PRO C 76 -14.29 15.55 -9.94
C PRO C 76 -13.67 16.50 -8.90
N GLN C 77 -13.70 16.15 -7.63
CA GLN C 77 -13.40 17.21 -6.66
C GLN C 77 -11.89 17.44 -6.54
N PRO C 78 -11.45 18.70 -6.41
CA PRO C 78 -10.02 19.05 -6.29
C PRO C 78 -9.47 18.77 -4.89
N MET C 79 -9.35 17.48 -4.59
CA MET C 79 -8.89 16.98 -3.30
C MET C 79 -7.79 15.96 -3.51
N ALA C 80 -7.19 15.50 -2.41
CA ALA C 80 -6.29 14.37 -2.49
C ALA C 80 -7.03 13.20 -3.14
N PRO C 81 -6.33 12.36 -3.92
CA PRO C 81 -7.01 11.24 -4.59
C PRO C 81 -7.94 10.42 -3.70
N ALA C 82 -7.50 10.02 -2.51
CA ALA C 82 -8.35 9.18 -1.68
C ALA C 82 -9.65 9.90 -1.31
N ALA C 83 -9.55 11.17 -0.95
CA ALA C 83 -10.74 11.95 -0.60
C ALA C 83 -11.61 12.21 -1.82
N ALA C 84 -11.00 12.46 -2.97
CA ALA C 84 -11.80 12.73 -4.18
C ALA C 84 -12.53 11.46 -4.61
N ALA C 85 -11.87 10.31 -4.51
CA ALA C 85 -12.54 9.05 -4.81
C ALA C 85 -13.69 8.79 -3.84
N GLU C 86 -13.45 9.00 -2.54
CA GLU C 86 -14.52 8.84 -1.55
C GLU C 86 -15.71 9.72 -1.90
N HIS C 87 -15.46 10.99 -2.21
CA HIS C 87 -16.54 11.93 -2.50
C HIS C 87 -17.36 11.46 -3.70
N ALA C 88 -16.70 10.88 -4.69
CA ALA C 88 -17.38 10.40 -5.88
C ALA C 88 -17.94 8.99 -5.73
N GLY C 89 -17.77 8.36 -4.57
CA GLY C 89 -18.22 6.99 -4.38
C GLY C 89 -17.49 6.01 -5.26
N MET C 90 -16.24 6.30 -5.57
CA MET C 90 -15.42 5.50 -6.49
C MET C 90 -14.25 4.91 -5.72
N ALA C 91 -13.56 3.98 -6.37
CA ALA C 91 -12.33 3.43 -5.83
C ALA C 91 -11.12 4.10 -6.45
N LEU C 92 -10.01 4.05 -5.72
CA LEU C 92 -8.71 4.34 -6.31
C LEU C 92 -8.37 3.27 -7.35
N PRO C 93 -7.52 3.60 -8.32
CA PRO C 93 -7.08 2.59 -9.27
C PRO C 93 -6.24 1.54 -8.58
N ALA C 94 -6.16 0.37 -9.20
CA ALA C 94 -5.33 -0.70 -8.68
C ALA C 94 -3.87 -0.43 -8.99
N ARG C 95 -3.00 -0.82 -8.05
CA ARG C 95 -1.56 -0.71 -8.26
C ARG C 95 -1.12 -1.33 -9.59
N ASP C 96 -1.57 -2.55 -9.87
CA ASP C 96 -1.06 -3.21 -11.09
C ASP C 96 -1.56 -2.54 -12.35
N GLN C 97 -2.67 -1.78 -12.29
CA GLN C 97 -3.12 -1.04 -13.46
C GLN C 97 -2.34 0.25 -13.66
N ILE C 98 -1.89 0.88 -12.57
CA ILE C 98 -0.97 2.00 -12.72
C ILE C 98 0.34 1.53 -13.34
N VAL C 99 0.90 0.43 -12.81
CA VAL C 99 2.16 -0.07 -13.34
C VAL C 99 2.00 -0.50 -14.78
N ARG C 100 0.90 -1.19 -15.10
CA ARG C 100 0.70 -1.65 -16.47
C ARG C 100 0.55 -0.47 -17.43
N LEU C 101 -0.13 0.59 -16.98
CA LEU C 101 -0.29 1.79 -17.81
C LEU C 101 1.06 2.39 -18.18
N ILE C 102 1.97 2.46 -17.19
CA ILE C 102 3.29 3.01 -17.45
C ILE C 102 4.12 2.05 -18.29
N ALA C 103 4.07 0.75 -17.95
CA ALA C 103 4.88 -0.23 -18.65
C ALA C 103 4.51 -0.30 -20.13
N ASP C 104 3.22 -0.15 -20.44
CA ASP C 104 2.77 -0.19 -21.83
C ASP C 104 3.30 1.00 -22.62
N LEU C 105 3.50 2.15 -21.98
CA LEU C 105 4.01 3.34 -22.67
C LEU C 105 5.51 3.25 -22.92
N ASP C 106 6.23 2.63 -21.98
CA ASP C 106 7.69 2.59 -22.02
C ASP C 106 8.17 1.82 -23.24
N ARG C 107 9.15 2.38 -23.95
CA ARG C 107 9.76 1.70 -25.09
C ARG C 107 11.12 2.30 -25.35
N PRO C 108 12.03 1.54 -25.99
CA PRO C 108 13.38 2.07 -26.23
C PRO C 108 13.35 3.39 -26.97
N GLY C 109 14.24 4.30 -26.57
CA GLY C 109 14.34 5.61 -27.14
C GLY C 109 13.31 6.61 -26.66
N ARG C 110 12.38 6.20 -25.81
CA ARG C 110 11.29 7.06 -25.38
C ARG C 110 11.53 7.55 -23.95
N LEU C 111 11.22 8.82 -23.72
CA LEU C 111 11.14 9.39 -22.38
C LEU C 111 9.67 9.42 -21.97
N THR C 112 9.32 8.64 -20.96
CA THR C 112 7.97 8.57 -20.42
C THR C 112 7.96 9.31 -19.10
N LEU C 113 7.21 10.41 -19.02
CA LEU C 113 7.08 11.17 -17.78
C LEU C 113 5.80 10.75 -17.08
N VAL C 114 5.90 10.48 -15.79
CA VAL C 114 4.77 10.06 -14.97
C VAL C 114 4.50 11.16 -13.97
N GLU C 115 3.45 11.95 -14.19
CA GLU C 115 3.13 13.06 -13.31
C GLU C 115 2.32 12.57 -12.11
N GLY C 116 2.81 12.84 -10.91
CA GLY C 116 2.09 12.47 -9.71
C GLY C 116 0.92 13.38 -9.44
N ALA C 117 0.18 13.04 -8.39
CA ALA C 117 -0.87 13.88 -7.82
C ALA C 117 -0.40 14.37 -6.46
N GLY C 118 -0.32 15.70 -6.29
CA GLY C 118 0.25 16.25 -5.06
C GLY C 118 1.71 15.85 -4.93
N GLY C 119 2.14 15.63 -3.69
CA GLY C 119 3.53 15.32 -3.39
C GLY C 119 3.83 13.83 -3.38
N LEU C 120 5.03 13.50 -2.91
CA LEU C 120 5.59 12.16 -3.16
C LEU C 120 4.83 11.07 -2.42
N LEU C 121 4.41 11.32 -1.18
CA LEU C 121 3.82 10.26 -0.38
C LEU C 121 2.29 10.26 -0.42
N VAL C 122 1.69 10.95 -1.41
CA VAL C 122 0.25 10.92 -1.60
C VAL C 122 -0.19 9.51 -2.00
N GLU C 123 -1.27 9.02 -1.38
CA GLU C 123 -1.80 7.69 -1.75
C GLU C 123 -2.43 7.75 -3.14
N LEU C 124 -1.94 6.91 -4.05
CA LEU C 124 -2.53 6.78 -5.38
C LEU C 124 -3.31 5.50 -5.60
N ALA C 125 -3.04 4.45 -4.81
CA ALA C 125 -3.71 3.17 -4.92
C ALA C 125 -3.75 2.52 -3.54
N GLU C 126 -4.74 1.63 -3.34
CA GLU C 126 -4.85 0.91 -2.07
C GLU C 126 -3.75 -0.15 -1.95
N PRO C 127 -3.18 -0.35 -0.75
CA PRO C 127 -3.33 0.47 0.46
C PRO C 127 -2.09 1.32 0.70
N GLY C 128 -2.22 2.64 0.58
CA GLY C 128 -1.08 3.50 0.81
C GLY C 128 -0.01 3.40 -0.25
N VAL C 129 -0.34 2.90 -1.43
CA VAL C 129 0.62 2.85 -2.52
C VAL C 129 0.84 4.26 -3.06
N THR C 130 2.10 4.66 -3.16
CA THR C 130 2.47 6.03 -3.53
C THR C 130 3.26 6.03 -4.83
N LEU C 131 3.50 7.24 -5.33
CA LEU C 131 4.35 7.40 -6.50
C LEU C 131 5.77 6.91 -6.23
N ARG C 132 6.21 6.95 -4.97
CA ARG C 132 7.51 6.38 -4.63
C ARG C 132 7.51 4.87 -4.86
N ASP C 133 6.44 4.19 -4.42
CA ASP C 133 6.35 2.75 -4.66
C ASP C 133 6.33 2.45 -6.15
N VAL C 134 5.60 3.25 -6.93
CA VAL C 134 5.52 3.05 -8.38
C VAL C 134 6.88 3.24 -9.03
N ALA C 135 7.62 4.26 -8.59
CA ALA C 135 8.96 4.50 -9.13
C ALA C 135 9.86 3.29 -8.91
N VAL C 136 9.78 2.68 -7.72
CA VAL C 136 10.54 1.46 -7.49
C VAL C 136 10.06 0.34 -8.42
N ASP C 137 8.73 0.19 -8.58
CA ASP C 137 8.18 -0.86 -9.43
C ASP C 137 8.78 -0.80 -10.84
N VAL C 138 8.86 0.40 -11.41
CA VAL C 138 9.22 0.57 -12.81
C VAL C 138 10.65 1.04 -12.98
N ALA C 139 11.42 1.12 -11.89
CA ALA C 139 12.83 1.52 -11.91
C ALA C 139 13.00 2.91 -12.52
N ALA C 140 12.15 3.84 -12.08
CA ALA C 140 12.22 5.22 -12.50
C ALA C 140 12.96 6.06 -11.46
N ALA C 141 13.76 7.01 -11.93
CA ALA C 141 14.21 8.10 -11.08
C ALA C 141 13.07 9.10 -10.91
N ALA C 142 13.28 10.05 -9.99
CA ALA C 142 12.27 11.06 -9.65
C ALA C 142 12.84 12.46 -9.85
N LEU C 143 12.13 13.27 -10.62
CA LEU C 143 12.39 14.70 -10.72
C LEU C 143 11.46 15.41 -9.75
N VAL C 144 12.00 16.28 -8.90
CA VAL C 144 11.24 16.91 -7.82
C VAL C 144 11.00 18.38 -8.13
N VAL C 145 9.73 18.76 -8.28
CA VAL C 145 9.38 20.16 -8.49
C VAL C 145 9.23 20.84 -7.14
N VAL C 146 9.82 22.03 -7.02
CA VAL C 146 9.89 22.75 -5.75
C VAL C 146 9.52 24.19 -6.02
N THR C 147 9.09 24.89 -4.97
CA THR C 147 8.92 26.33 -5.09
C THR C 147 10.19 27.06 -4.64
N ALA C 148 10.21 28.36 -4.89
CA ALA C 148 11.26 29.23 -4.36
C ALA C 148 10.83 29.93 -3.09
N ASP C 149 9.70 29.55 -2.53
CA ASP C 149 9.07 30.30 -1.45
C ASP C 149 9.54 29.82 -0.08
N LEU C 150 9.27 30.66 0.92
CA LEU C 150 9.54 30.34 2.31
C LEU C 150 9.03 28.95 2.65
N GLY C 151 9.93 28.12 3.20
CA GLY C 151 9.59 26.76 3.57
C GLY C 151 10.04 25.69 2.60
N THR C 152 10.52 26.08 1.41
CA THR C 152 10.81 25.08 0.38
C THR C 152 11.99 24.18 0.76
N LEU C 153 12.95 24.69 1.53
CA LEU C 153 14.14 23.90 1.80
C LEU C 153 13.81 22.68 2.65
N ASN C 154 13.03 22.89 3.72
CA ASN C 154 12.57 21.81 4.57
C ASN C 154 11.79 20.76 3.77
N HIS C 155 10.82 21.21 2.97
CA HIS C 155 10.02 20.27 2.20
C HIS C 155 10.88 19.51 1.19
N THR C 156 11.84 20.21 0.57
CA THR C 156 12.70 19.55 -0.40
C THR C 156 13.57 18.50 0.30
N LYS C 157 14.18 18.85 1.44
CA LYS C 157 15.02 17.90 2.16
C LYS C 157 14.21 16.69 2.62
N LEU C 158 12.99 16.92 3.12
CA LEU C 158 12.12 15.82 3.49
C LEU C 158 11.81 14.91 2.31
N THR C 159 11.55 15.51 1.13
CA THR C 159 11.21 14.71 -0.04
C THR C 159 12.41 13.91 -0.53
N LEU C 160 13.61 14.51 -0.52
CA LEU C 160 14.79 13.78 -0.98
C LEU C 160 15.17 12.66 -0.02
N GLU C 161 15.00 12.88 1.29
CA GLU C 161 15.25 11.80 2.24
C GLU C 161 14.31 10.63 2.01
N ALA C 162 13.04 10.92 1.70
CA ALA C 162 12.09 9.86 1.43
C ALA C 162 12.47 9.09 0.16
N LEU C 163 12.95 9.80 -0.88
CA LEU C 163 13.43 9.09 -2.07
C LEU C 163 14.61 8.19 -1.75
N ALA C 164 15.62 8.74 -1.08
CA ALA C 164 16.84 7.96 -0.81
C ALA C 164 16.54 6.77 0.08
N ALA C 165 15.52 6.86 0.94
CA ALA C 165 15.20 5.77 1.85
C ALA C 165 14.77 4.52 1.11
N GLN C 166 14.21 4.66 -0.09
CA GLN C 166 13.80 3.52 -0.91
C GLN C 166 14.63 3.37 -2.17
N GLN C 167 15.82 3.97 -2.19
CA GLN C 167 16.77 3.84 -3.30
C GLN C 167 16.16 4.30 -4.63
N VAL C 168 15.35 5.36 -4.58
CA VAL C 168 14.87 6.02 -5.79
C VAL C 168 15.81 7.19 -6.05
N SER C 169 16.56 7.10 -7.15
CA SER C 169 17.47 8.18 -7.51
C SER C 169 16.69 9.47 -7.76
N CYS C 170 17.27 10.58 -7.33
CA CYS C 170 16.73 11.90 -7.62
C CYS C 170 17.38 12.41 -8.91
N ALA C 171 16.55 12.67 -9.92
CA ALA C 171 17.05 13.19 -11.17
C ALA C 171 17.36 14.68 -11.10
N GLY C 172 17.02 15.33 -9.99
CA GLY C 172 17.25 16.74 -9.81
C GLY C 172 15.99 17.46 -9.39
N LEU C 173 16.12 18.79 -9.28
CA LEU C 173 15.04 19.67 -8.86
C LEU C 173 14.65 20.57 -10.03
N VAL C 174 13.40 21.00 -10.04
CA VAL C 174 12.97 22.10 -10.91
C VAL C 174 12.17 23.09 -10.07
N ILE C 175 12.58 24.35 -10.11
CA ILE C 175 11.78 25.41 -9.51
C ILE C 175 10.61 25.69 -10.45
N GLY C 176 9.39 25.49 -9.95
CA GLY C 176 8.21 25.56 -10.80
C GLY C 176 7.88 26.96 -11.26
N SER C 177 8.20 27.96 -10.45
CA SER C 177 7.93 29.35 -10.80
C SER C 177 9.04 30.23 -10.22
N TRP C 178 9.79 30.88 -11.09
CA TRP C 178 10.94 31.69 -10.68
C TRP C 178 10.62 33.16 -10.88
N PRO C 179 10.62 33.96 -9.82
CA PRO C 179 10.26 35.38 -9.97
C PRO C 179 11.38 36.17 -10.60
N ASP C 180 10.99 37.23 -11.32
CA ASP C 180 11.93 38.14 -11.95
C ASP C 180 11.55 39.57 -11.57
N PRO C 181 12.40 40.29 -10.82
CA PRO C 181 13.64 39.74 -10.26
C PRO C 181 13.38 38.97 -8.97
N PRO C 182 14.29 38.08 -8.58
CA PRO C 182 14.09 37.32 -7.34
C PRO C 182 14.36 38.18 -6.12
N GLY C 183 13.47 38.12 -5.14
CA GLY C 183 13.69 38.77 -3.87
C GLY C 183 14.73 38.03 -3.04
N LEU C 184 14.94 38.54 -1.81
CA LEU C 184 15.95 37.96 -0.94
C LEU C 184 15.66 36.49 -0.64
N VAL C 185 14.41 36.18 -0.30
CA VAL C 185 14.07 34.80 0.07
C VAL C 185 14.21 33.87 -1.14
N ALA C 186 13.66 34.27 -2.29
CA ALA C 186 13.78 33.44 -3.48
C ALA C 186 15.23 33.20 -3.87
N ALA C 187 16.05 34.26 -3.84
CA ALA C 187 17.45 34.13 -4.23
C ALA C 187 18.20 33.21 -3.28
N SER C 188 18.03 33.44 -1.97
CA SER C 188 18.67 32.60 -0.97
C SER C 188 18.25 31.14 -1.13
N ASN C 189 16.96 30.92 -1.38
CA ASN C 189 16.45 29.56 -1.53
C ASN C 189 17.06 28.87 -2.74
N ARG C 190 17.17 29.55 -3.88
CA ARG C 190 17.74 28.91 -5.05
C ARG C 190 19.18 28.51 -4.81
N SER C 191 19.95 29.37 -4.15
CA SER C 191 21.32 29.01 -3.81
C SER C 191 21.35 27.78 -2.90
N ALA C 192 20.46 27.74 -1.91
CA ALA C 192 20.47 26.62 -0.97
C ALA C 192 19.98 25.34 -1.63
N LEU C 193 19.00 25.45 -2.52
CA LEU C 193 18.50 24.28 -3.24
C LEU C 193 19.60 23.65 -4.09
N ALA C 194 20.40 24.47 -4.76
CA ALA C 194 21.48 23.95 -5.58
C ALA C 194 22.54 23.23 -4.75
N ARG C 195 22.62 23.51 -3.45
CA ARG C 195 23.52 22.75 -2.58
C ARG C 195 22.91 21.43 -2.13
N ILE C 196 21.59 21.28 -2.26
CA ILE C 196 20.90 20.04 -1.92
C ILE C 196 20.93 19.06 -3.07
N ALA C 197 20.74 19.54 -4.29
CA ALA C 197 20.68 18.69 -5.47
C ALA C 197 20.82 19.57 -6.70
N MET C 198 20.95 18.91 -7.86
CA MET C 198 21.06 19.63 -9.12
C MET C 198 19.75 20.36 -9.43
N VAL C 199 19.82 21.67 -9.63
CA VAL C 199 18.66 22.43 -10.07
C VAL C 199 18.68 22.41 -11.59
N ARG C 200 17.79 21.60 -12.18
CA ARG C 200 17.81 21.39 -13.63
C ARG C 200 17.23 22.58 -14.38
N ALA C 201 16.27 23.28 -13.78
CA ALA C 201 15.64 24.43 -14.43
C ALA C 201 14.90 25.24 -13.37
N ALA C 202 14.66 26.51 -13.70
CA ALA C 202 13.82 27.40 -12.91
C ALA C 202 12.90 28.06 -13.92
N LEU C 203 11.64 27.62 -13.97
CA LEU C 203 10.75 28.07 -15.04
C LEU C 203 10.31 29.50 -14.75
N PRO C 204 10.39 30.40 -15.73
CA PRO C 204 9.91 31.77 -15.50
C PRO C 204 8.47 31.78 -15.03
N ALA C 205 8.19 32.65 -14.06
CA ALA C 205 6.81 32.85 -13.64
C ALA C 205 5.94 33.18 -14.84
N GLY C 206 4.72 32.62 -14.87
CA GLY C 206 3.83 32.84 -15.98
C GLY C 206 4.06 31.94 -17.18
N ALA C 207 4.94 30.95 -17.07
CA ALA C 207 5.22 30.08 -18.22
C ALA C 207 3.97 29.37 -18.72
N ALA C 208 3.05 29.01 -17.82
CA ALA C 208 1.87 28.27 -18.23
C ALA C 208 0.92 29.07 -19.12
N SER C 209 1.10 30.39 -19.21
CA SER C 209 0.22 31.21 -20.04
C SER C 209 0.79 31.49 -21.43
N LEU C 210 2.00 31.01 -21.71
CA LEU C 210 2.59 31.24 -23.02
C LEU C 210 1.89 30.40 -24.08
N ASP C 211 1.87 30.92 -25.31
CA ASP C 211 1.38 30.04 -26.36
C ASP C 211 2.49 29.06 -26.76
N ALA C 212 2.13 28.11 -27.63
CA ALA C 212 2.98 26.95 -27.85
C ALA C 212 4.36 27.34 -28.36
N GLY C 213 4.43 28.32 -29.25
CA GLY C 213 5.73 28.71 -29.79
C GLY C 213 6.63 29.33 -28.73
N ASP C 214 6.09 30.26 -27.93
CA ASP C 214 6.88 30.86 -26.86
C ASP C 214 7.18 29.85 -25.77
N PHE C 215 6.26 28.93 -25.51
CA PHE C 215 6.51 27.91 -24.50
C PHE C 215 7.66 27.01 -24.91
N ALA C 216 7.71 26.61 -26.18
CA ALA C 216 8.82 25.80 -26.67
C ALA C 216 10.15 26.52 -26.54
N ALA C 217 10.18 27.82 -26.87
CA ALA C 217 11.41 28.58 -26.73
C ALA C 217 11.87 28.65 -25.27
N MET C 218 10.92 28.94 -24.37
CA MET C 218 11.23 28.96 -22.94
C MET C 218 11.81 27.62 -22.49
N SER C 219 11.16 26.51 -22.88
CA SER C 219 11.59 25.19 -22.44
C SER C 219 12.98 24.84 -22.96
N ALA C 220 13.28 25.20 -24.20
CA ALA C 220 14.60 24.91 -24.74
C ALA C 220 15.68 25.67 -23.99
N ALA C 221 15.38 26.91 -23.59
CA ALA C 221 16.32 27.68 -22.79
C ALA C 221 16.37 27.25 -21.33
N ALA C 222 15.30 26.64 -20.82
CA ALA C 222 15.21 26.41 -19.37
C ALA C 222 16.12 25.27 -18.93
N PHE C 223 16.28 24.26 -19.77
CA PHE C 223 17.00 23.05 -19.44
C PHE C 223 18.30 22.96 -20.21
N ASP C 224 19.29 22.29 -19.62
CA ASP C 224 20.48 21.89 -20.34
C ASP C 224 20.13 20.81 -21.36
N ARG C 225 20.29 21.12 -22.65
CA ARG C 225 19.90 20.18 -23.70
C ARG C 225 20.70 18.88 -23.60
N ASN C 226 21.96 18.96 -23.20
CA ASN C 226 22.75 17.74 -23.00
C ASN C 226 22.12 16.85 -21.93
N TRP C 227 21.72 17.44 -20.80
CA TRP C 227 21.08 16.64 -19.75
C TRP C 227 19.78 16.03 -20.23
N VAL C 228 18.96 16.82 -20.93
CA VAL C 228 17.67 16.31 -21.42
C VAL C 228 17.90 15.18 -22.40
N ALA C 229 18.72 15.41 -23.42
CA ALA C 229 18.92 14.40 -24.46
C ALA C 229 19.64 13.17 -23.90
N GLY C 230 20.44 13.34 -22.85
CA GLY C 230 21.09 12.23 -22.20
C GLY C 230 20.22 11.41 -21.28
N LEU C 231 18.95 11.78 -21.13
CA LEU C 231 18.06 11.03 -20.25
C LEU C 231 17.69 9.67 -20.82
N VAL C 232 17.61 9.55 -22.15
CA VAL C 232 17.33 8.27 -22.78
C VAL C 232 18.63 7.70 -23.31
N GLY C 233 18.84 6.41 -23.06
CA GLY C 233 20.03 5.72 -23.50
C GLY C 233 19.89 5.20 -24.92
N GLY D 7 14.50 12.15 35.72
CA GLY D 7 14.36 13.58 35.47
C GLY D 7 12.99 13.96 34.94
N GLY D 8 12.95 15.06 34.19
CA GLY D 8 11.71 15.55 33.61
C GLY D 8 11.48 14.99 32.23
N THR D 9 10.55 15.63 31.51
CA THR D 9 10.21 15.24 30.14
C THR D 9 10.58 16.39 29.21
N ILE D 10 11.43 16.10 28.23
CA ILE D 10 11.71 17.04 27.14
C ILE D 10 10.90 16.60 25.93
N LEU D 11 10.21 17.55 25.31
CA LEU D 11 9.40 17.31 24.12
C LEU D 11 9.76 18.38 23.11
N VAL D 12 10.25 17.98 21.93
CA VAL D 12 10.45 18.98 20.89
C VAL D 12 9.12 19.20 20.19
N VAL D 13 8.85 20.44 19.82
CA VAL D 13 7.64 20.79 19.11
C VAL D 13 8.06 21.28 17.74
N THR D 14 7.80 20.47 16.72
CA THR D 14 8.14 20.79 15.35
C THR D 14 6.86 21.03 14.56
N GLY D 15 7.01 21.24 13.26
CA GLY D 15 5.85 21.42 12.42
C GLY D 15 6.14 20.89 11.03
N THR D 16 5.07 20.78 10.23
CA THR D 16 5.29 20.40 8.83
C THR D 16 5.96 21.53 8.04
N GLY D 17 5.94 22.74 8.55
CA GLY D 17 6.59 23.85 7.87
C GLY D 17 6.54 25.07 8.76
N THR D 18 6.67 26.24 8.14
CA THR D 18 6.56 27.49 8.87
C THR D 18 5.15 28.04 8.75
N GLY D 19 4.72 28.78 9.77
CA GLY D 19 3.39 29.37 9.77
C GLY D 19 2.25 28.37 9.96
N VAL D 20 2.52 27.24 10.63
CA VAL D 20 1.52 26.19 10.83
C VAL D 20 0.93 26.18 12.24
N GLY D 21 1.43 27.00 13.14
CA GLY D 21 0.90 27.08 14.49
C GLY D 21 1.81 26.58 15.60
N LYS D 22 3.11 26.46 15.37
CA LYS D 22 4.02 25.90 16.38
C LYS D 22 3.96 26.70 17.67
N THR D 23 4.06 28.03 17.59
CA THR D 23 4.14 28.84 18.80
C THR D 23 2.84 28.75 19.61
N VAL D 24 1.69 28.87 18.94
CA VAL D 24 0.42 28.80 19.67
C VAL D 24 0.19 27.41 20.24
N VAL D 25 0.68 26.35 19.57
CA VAL D 25 0.56 25.02 20.15
C VAL D 25 1.46 24.90 21.38
N CYS D 26 2.66 25.46 21.32
CA CYS D 26 3.52 25.43 22.50
C CYS D 26 2.85 26.11 23.67
N ALA D 27 2.25 27.27 23.42
CA ALA D 27 1.51 28.00 24.45
C ALA D 27 0.34 27.19 24.98
N ALA D 28 -0.45 26.58 24.08
CA ALA D 28 -1.62 25.84 24.50
C ALA D 28 -1.25 24.62 25.33
N LEU D 29 -0.25 23.85 24.88
CA LEU D 29 0.18 22.70 25.66
C LEU D 29 0.79 23.15 26.98
N ALA D 30 1.56 24.24 26.97
CA ALA D 30 2.11 24.75 28.21
C ALA D 30 1.01 25.16 29.18
N SER D 31 -0.04 25.81 28.68
CA SER D 31 -1.15 26.20 29.53
C SER D 31 -1.88 24.98 30.08
N ALA D 32 -2.18 24.00 29.21
CA ALA D 32 -2.84 22.79 29.67
C ALA D 32 -2.00 22.06 30.72
N ALA D 33 -0.68 22.01 30.53
CA ALA D 33 0.17 21.33 31.49
C ALA D 33 0.23 22.09 32.81
N ARG D 34 0.36 23.41 32.76
CA ARG D 34 0.39 24.18 34.00
C ARG D 34 -0.89 23.99 34.79
N GLN D 35 -2.05 23.96 34.11
CA GLN D 35 -3.30 23.75 34.81
C GLN D 35 -3.40 22.35 35.40
N ALA D 36 -2.65 21.38 34.87
CA ALA D 36 -2.56 20.06 35.48
C ALA D 36 -1.54 20.00 36.61
N GLY D 37 -0.97 21.13 37.00
CA GLY D 37 0.00 21.18 38.08
C GLY D 37 1.44 20.89 37.68
N ILE D 38 1.75 20.92 36.39
CA ILE D 38 3.08 20.59 35.89
C ILE D 38 3.86 21.88 35.68
N ASP D 39 5.10 21.91 36.17
CA ASP D 39 6.00 23.01 35.88
C ASP D 39 6.44 22.94 34.42
N VAL D 40 6.39 24.08 33.72
CA VAL D 40 6.63 24.10 32.27
C VAL D 40 7.71 25.13 31.95
N ALA D 41 8.70 24.72 31.16
CA ALA D 41 9.64 25.63 30.52
C ALA D 41 9.47 25.53 29.02
N VAL D 42 9.70 26.63 28.32
CA VAL D 42 9.69 26.62 26.85
C VAL D 42 11.00 27.20 26.34
N CYS D 43 11.65 26.46 25.44
CA CYS D 43 12.92 26.86 24.83
C CYS D 43 12.69 27.05 23.34
N LYS D 44 13.03 28.25 22.84
CA LYS D 44 13.08 28.51 21.40
C LYS D 44 14.52 28.90 21.10
N PRO D 45 15.41 27.94 20.83
CA PRO D 45 16.83 28.28 20.75
C PRO D 45 17.15 29.30 19.66
N VAL D 46 16.51 29.19 18.49
CA VAL D 46 16.76 30.11 17.38
C VAL D 46 15.42 30.72 16.95
N GLN D 47 15.38 32.06 16.90
CA GLN D 47 14.20 32.83 16.49
C GLN D 47 14.62 33.74 15.34
N THR D 48 13.83 33.77 14.27
CA THR D 48 14.05 34.73 13.20
C THR D 48 12.84 35.64 13.08
N GLY D 49 12.94 36.62 12.17
CA GLY D 49 11.87 37.57 11.98
C GLY D 49 11.64 38.55 13.10
N THR D 50 12.67 38.84 13.91
CA THR D 50 12.43 39.74 15.03
C THR D 50 12.29 41.20 14.62
N ALA D 51 12.58 41.54 13.36
CA ALA D 51 12.45 42.93 12.92
C ALA D 51 11.01 43.40 12.96
N ARG D 52 10.06 42.54 12.58
CA ARG D 52 8.66 42.91 12.53
C ARG D 52 7.94 42.69 13.86
N GLY D 53 8.63 42.21 14.88
CA GLY D 53 8.03 42.03 16.19
C GLY D 53 7.86 40.59 16.64
N ASP D 54 8.32 39.62 15.85
CA ASP D 54 8.21 38.21 16.26
C ASP D 54 9.15 37.94 17.43
N ASP D 55 8.58 37.56 18.57
CA ASP D 55 9.31 36.89 19.64
C ASP D 55 8.35 35.85 20.19
N ASP D 56 8.54 34.60 19.77
CA ASP D 56 7.59 33.56 20.13
C ASP D 56 7.59 33.28 21.63
N LEU D 57 8.75 33.40 22.28
CA LEU D 57 8.81 33.20 23.73
C LEU D 57 7.91 34.19 24.46
N ALA D 58 7.95 35.46 24.05
CA ALA D 58 7.07 36.46 24.68
C ALA D 58 5.61 36.10 24.47
N GLU D 59 5.26 35.62 23.27
CA GLU D 59 3.89 35.16 23.02
C GLU D 59 3.49 34.01 23.94
N VAL D 60 4.41 33.06 24.16
CA VAL D 60 4.12 31.99 25.10
C VAL D 60 3.93 32.53 26.52
N GLY D 61 4.81 33.45 26.93
CA GLY D 61 4.66 34.03 28.26
C GLY D 61 3.34 34.75 28.44
N ARG D 62 2.91 35.49 27.42
CA ARG D 62 1.63 36.20 27.47
C ARG D 62 0.45 35.23 27.44
N LEU D 63 0.49 34.23 26.58
CA LEU D 63 -0.66 33.35 26.43
C LEU D 63 -0.78 32.34 27.57
N ALA D 64 0.35 31.79 28.04
CA ALA D 64 0.32 30.68 28.99
C ALA D 64 0.92 31.01 30.36
N GLY D 65 1.57 32.16 30.52
CA GLY D 65 2.14 32.52 31.80
C GLY D 65 3.41 31.81 32.17
N VAL D 66 3.98 31.01 31.26
CA VAL D 66 5.29 30.42 31.48
C VAL D 66 6.31 31.52 31.78
N THR D 67 7.17 31.28 32.77
CA THR D 67 8.26 32.21 33.05
C THR D 67 9.63 31.69 32.66
N GLN D 68 9.83 30.37 32.63
CA GLN D 68 11.11 29.81 32.21
C GLN D 68 11.09 29.74 30.69
N LEU D 69 11.57 30.82 30.08
CA LEU D 69 11.51 31.08 28.65
C LEU D 69 12.94 31.32 28.21
N ALA D 70 13.51 30.35 27.47
CA ALA D 70 14.94 30.34 27.20
C ALA D 70 15.21 30.36 25.70
N GLY D 71 16.22 31.13 25.32
CA GLY D 71 16.59 31.29 23.92
C GLY D 71 18.06 31.64 23.81
N LEU D 72 18.61 31.45 22.61
CA LEU D 72 20.02 31.66 22.35
C LEU D 72 20.32 32.69 21.28
N ALA D 73 19.48 32.82 20.26
CA ALA D 73 19.82 33.64 19.11
C ALA D 73 18.56 34.22 18.51
N ARG D 74 18.62 35.49 18.09
CA ARG D 74 17.51 36.18 17.45
C ARG D 74 18.03 36.88 16.21
N TYR D 75 17.41 36.61 15.05
CA TYR D 75 17.80 37.25 13.80
C TYR D 75 16.66 38.10 13.26
N PRO D 76 16.94 39.31 12.78
CA PRO D 76 15.83 40.22 12.44
C PRO D 76 15.07 39.83 11.18
N GLN D 77 15.73 39.28 10.16
CA GLN D 77 15.04 39.03 8.90
C GLN D 77 14.10 37.83 9.03
N PRO D 78 12.93 37.87 8.37
CA PRO D 78 11.97 36.74 8.38
C PRO D 78 12.36 35.70 7.34
N MET D 79 13.43 34.98 7.64
CA MET D 79 14.00 33.98 6.74
C MET D 79 14.28 32.72 7.54
N ALA D 80 14.64 31.64 6.83
CA ALA D 80 15.17 30.48 7.52
C ALA D 80 16.40 30.87 8.32
N PRO D 81 16.64 30.24 9.47
CA PRO D 81 17.81 30.62 10.31
C PRO D 81 19.11 30.80 9.56
N ALA D 82 19.51 29.82 8.73
CA ALA D 82 20.77 29.95 8.01
C ALA D 82 20.80 31.23 7.17
N ALA D 83 19.70 31.53 6.48
CA ALA D 83 19.70 32.71 5.62
C ALA D 83 19.62 33.99 6.43
N ALA D 84 18.85 33.98 7.52
CA ALA D 84 18.80 35.16 8.40
C ALA D 84 20.15 35.45 9.01
N ALA D 85 20.89 34.40 9.39
CA ALA D 85 22.23 34.58 9.92
C ALA D 85 23.17 35.14 8.85
N GLU D 86 23.10 34.59 7.63
CA GLU D 86 23.95 35.11 6.56
C GLU D 86 23.64 36.56 6.25
N HIS D 87 22.35 36.92 6.24
CA HIS D 87 21.98 38.31 5.99
C HIS D 87 22.59 39.25 7.02
N ALA D 88 22.51 38.89 8.30
CA ALA D 88 23.10 39.69 9.38
C ALA D 88 24.62 39.60 9.44
N GLY D 89 25.24 38.70 8.69
CA GLY D 89 26.69 38.56 8.77
C GLY D 89 27.19 37.87 10.02
N MET D 90 26.37 37.05 10.66
CA MET D 90 26.77 36.33 11.86
C MET D 90 26.37 34.87 11.72
N ALA D 91 27.04 34.02 12.50
CA ALA D 91 26.80 32.59 12.44
C ALA D 91 25.57 32.20 13.26
N LEU D 92 25.04 31.01 12.97
CA LEU D 92 24.10 30.35 13.85
C LEU D 92 24.79 29.99 15.17
N PRO D 93 24.03 29.69 16.22
CA PRO D 93 24.65 29.16 17.44
C PRO D 93 25.26 27.79 17.21
N ALA D 94 26.07 27.39 18.18
CA ALA D 94 26.71 26.08 18.14
C ALA D 94 25.74 24.99 18.58
N ARG D 95 25.94 23.79 18.02
CA ARG D 95 25.15 22.64 18.45
C ARG D 95 25.24 22.42 19.94
N ASP D 96 26.44 22.52 20.52
CA ASP D 96 26.55 22.21 21.94
C ASP D 96 25.79 23.25 22.78
N GLN D 97 25.72 24.50 22.33
CA GLN D 97 24.90 25.49 23.04
C GLN D 97 23.45 25.03 23.13
N ILE D 98 22.89 24.57 22.00
CA ILE D 98 21.46 24.25 21.98
C ILE D 98 21.19 23.05 22.88
N VAL D 99 21.94 21.97 22.70
CA VAL D 99 21.66 20.79 23.49
C VAL D 99 21.90 21.04 24.98
N ARG D 100 22.97 21.76 25.32
CA ARG D 100 23.28 21.99 26.73
C ARG D 100 22.24 22.89 27.39
N LEU D 101 21.73 23.89 26.67
CA LEU D 101 20.69 24.75 27.25
C LEU D 101 19.46 23.93 27.60
N ILE D 102 19.05 23.04 26.69
CA ILE D 102 17.87 22.23 26.92
C ILE D 102 18.08 21.28 28.09
N ALA D 103 19.23 20.62 28.12
CA ALA D 103 19.56 19.70 29.21
C ALA D 103 19.59 20.40 30.56
N ASP D 104 20.02 21.66 30.59
CA ASP D 104 20.04 22.40 31.84
C ASP D 104 18.64 22.84 32.27
N LEU D 105 17.74 23.07 31.30
CA LEU D 105 16.35 23.41 31.63
C LEU D 105 15.62 22.22 32.24
N ASP D 106 15.96 21.02 31.80
CA ASP D 106 15.26 19.80 32.21
C ASP D 106 15.42 19.55 33.71
N ARG D 107 14.31 19.26 34.39
CA ARG D 107 14.38 18.91 35.81
C ARG D 107 13.18 18.04 36.17
N PRO D 108 13.28 17.26 37.25
CA PRO D 108 12.15 16.43 37.66
C PRO D 108 10.89 17.25 37.88
N GLY D 109 9.77 16.70 37.41
CA GLY D 109 8.47 17.35 37.53
C GLY D 109 8.20 18.42 36.50
N ARG D 110 9.11 18.65 35.56
CA ARG D 110 8.98 19.71 34.58
C ARG D 110 8.80 19.13 33.18
N LEU D 111 7.86 19.72 32.45
CA LEU D 111 7.75 19.51 31.00
C LEU D 111 8.49 20.64 30.30
N THR D 112 9.52 20.30 29.53
CA THR D 112 10.30 21.27 28.78
C THR D 112 9.97 21.13 27.30
N LEU D 113 9.36 22.16 26.72
CA LEU D 113 9.02 22.18 25.30
C LEU D 113 10.12 22.91 24.53
N VAL D 114 10.59 22.30 23.45
CA VAL D 114 11.62 22.90 22.61
C VAL D 114 10.99 23.21 21.26
N GLU D 115 10.81 24.50 20.96
CA GLU D 115 10.16 24.91 19.73
C GLU D 115 11.19 25.11 18.63
N GLY D 116 11.02 24.41 17.52
CA GLY D 116 11.88 24.63 16.38
C GLY D 116 11.53 25.89 15.60
N ALA D 117 12.38 26.20 14.63
CA ALA D 117 12.10 27.22 13.63
C ALA D 117 11.71 26.52 12.33
N GLY D 118 10.55 26.86 11.79
CA GLY D 118 10.06 26.16 10.61
C GLY D 118 9.88 24.68 10.90
N GLY D 119 10.13 23.87 9.87
CA GLY D 119 9.91 22.44 9.95
C GLY D 119 11.10 21.63 10.47
N LEU D 120 10.94 20.31 10.43
CA LEU D 120 11.82 19.42 11.19
C LEU D 120 13.26 19.46 10.69
N LEU D 121 13.47 19.59 9.38
CA LEU D 121 14.81 19.47 8.83
C LEU D 121 15.47 20.82 8.58
N VAL D 122 14.96 21.87 9.20
CA VAL D 122 15.56 23.20 9.12
C VAL D 122 16.88 23.23 9.88
N GLU D 123 17.90 23.83 9.28
CA GLU D 123 19.19 23.93 9.95
C GLU D 123 19.12 24.95 11.09
N LEU D 124 19.47 24.51 12.29
CA LEU D 124 19.54 25.40 13.44
C LEU D 124 20.96 25.68 13.90
N ALA D 125 21.94 24.88 13.46
CA ALA D 125 23.32 25.08 13.87
C ALA D 125 24.26 24.35 12.92
N GLU D 126 25.55 24.75 12.96
CA GLU D 126 26.73 23.95 12.61
C GLU D 126 26.65 23.46 11.18
N PRO D 127 27.16 22.23 10.80
CA PRO D 127 26.80 21.74 9.46
C PRO D 127 25.50 20.96 9.45
N GLY D 128 24.37 21.65 9.21
CA GLY D 128 23.10 20.97 9.02
C GLY D 128 22.53 20.30 10.25
N VAL D 129 22.80 20.82 11.44
CA VAL D 129 22.20 20.28 12.66
C VAL D 129 20.76 20.73 12.73
N THR D 130 19.84 19.79 12.92
CA THR D 130 18.40 20.04 12.92
C THR D 130 17.80 19.74 14.28
N LEU D 131 16.53 20.12 14.44
CA LEU D 131 15.77 19.77 15.64
C LEU D 131 15.66 18.26 15.78
N ARG D 132 15.67 17.50 14.67
CA ARG D 132 15.67 16.04 14.79
C ARG D 132 16.93 15.58 15.50
N ASP D 133 18.10 16.15 15.12
CA ASP D 133 19.35 15.82 15.79
C ASP D 133 19.29 16.17 17.26
N VAL D 134 18.71 17.33 17.58
CA VAL D 134 18.58 17.75 18.97
C VAL D 134 17.73 16.76 19.75
N ALA D 135 16.63 16.29 19.15
CA ALA D 135 15.75 15.36 19.84
C ALA D 135 16.47 14.06 20.18
N VAL D 136 17.31 13.56 19.25
CA VAL D 136 18.10 12.36 19.52
C VAL D 136 19.03 12.61 20.69
N ASP D 137 19.70 13.76 20.69
CA ASP D 137 20.77 14.02 21.66
C ASP D 137 20.25 14.23 23.06
N VAL D 138 19.00 14.65 23.24
CA VAL D 138 18.43 14.80 24.58
C VAL D 138 17.36 13.75 24.86
N ALA D 139 17.19 12.79 23.94
CA ALA D 139 16.23 11.70 24.07
C ALA D 139 14.81 12.22 24.25
N ALA D 140 14.45 13.19 23.41
CA ALA D 140 13.11 13.77 23.41
C ALA D 140 12.26 13.14 22.32
N ALA D 141 10.97 12.97 22.60
CA ALA D 141 10.00 12.70 21.56
C ALA D 141 9.64 14.00 20.84
N ALA D 142 8.89 13.88 19.73
CA ALA D 142 8.56 15.04 18.90
C ALA D 142 7.04 15.14 18.74
N LEU D 143 6.49 16.30 19.08
CA LEU D 143 5.10 16.64 18.80
C LEU D 143 5.07 17.44 17.50
N VAL D 144 4.22 17.05 16.55
CA VAL D 144 4.24 17.62 15.20
C VAL D 144 3.00 18.47 14.99
N VAL D 145 3.20 19.76 14.75
CA VAL D 145 2.10 20.65 14.44
C VAL D 145 1.82 20.61 12.94
N VAL D 146 0.56 20.41 12.57
CA VAL D 146 0.16 20.31 11.18
C VAL D 146 -1.01 21.26 10.94
N THR D 147 -1.27 21.55 9.67
CA THR D 147 -2.49 22.27 9.29
C THR D 147 -3.57 21.26 8.89
N ALA D 148 -4.79 21.77 8.79
CA ALA D 148 -5.90 21.00 8.24
C ALA D 148 -6.09 21.25 6.74
N ASP D 149 -5.15 21.95 6.11
CA ASP D 149 -5.33 22.46 4.76
C ASP D 149 -4.86 21.46 3.70
N LEU D 150 -5.30 21.70 2.47
CA LEU D 150 -4.89 20.91 1.32
C LEU D 150 -3.36 20.76 1.30
N GLY D 151 -2.89 19.52 1.17
CA GLY D 151 -1.47 19.22 1.16
C GLY D 151 -0.92 18.75 2.49
N THR D 152 -1.69 18.81 3.57
CA THR D 152 -1.13 18.50 4.89
C THR D 152 -0.77 17.01 5.03
N LEU D 153 -1.48 16.11 4.36
CA LEU D 153 -1.20 14.69 4.61
C LEU D 153 0.18 14.31 4.10
N ASN D 154 0.53 14.75 2.89
CA ASN D 154 1.87 14.51 2.36
C ASN D 154 2.94 15.06 3.29
N HIS D 155 2.81 16.33 3.70
CA HIS D 155 3.82 16.92 4.56
C HIS D 155 3.90 16.20 5.90
N THR D 156 2.76 15.77 6.43
CA THR D 156 2.76 15.05 7.70
C THR D 156 3.44 13.70 7.55
N LYS D 157 3.12 12.96 6.49
CA LYS D 157 3.74 11.65 6.28
C LYS D 157 5.24 11.78 6.09
N LEU D 158 5.67 12.81 5.35
CA LEU D 158 7.11 13.04 5.16
C LEU D 158 7.78 13.32 6.49
N THR D 159 7.15 14.13 7.34
CA THR D 159 7.76 14.50 8.60
C THR D 159 7.83 13.31 9.56
N LEU D 160 6.78 12.49 9.58
CA LEU D 160 6.79 11.31 10.43
C LEU D 160 7.81 10.27 9.96
N GLU D 161 7.95 10.09 8.64
CA GLU D 161 9.00 9.19 8.15
C GLU D 161 10.37 9.69 8.58
N ALA D 162 10.60 11.01 8.54
CA ALA D 162 11.88 11.54 8.94
C ALA D 162 12.14 11.32 10.43
N LEU D 163 11.12 11.46 11.27
CA LEU D 163 11.32 11.16 12.69
C LEU D 163 11.68 9.69 12.88
N ALA D 164 10.93 8.80 12.24
CA ALA D 164 11.14 7.36 12.40
C ALA D 164 12.53 6.94 11.95
N ALA D 165 13.07 7.60 10.93
CA ALA D 165 14.36 7.22 10.38
C ALA D 165 15.49 7.37 11.39
N GLN D 166 15.35 8.27 12.37
CA GLN D 166 16.34 8.43 13.42
C GLN D 166 15.83 7.97 14.77
N GLN D 167 14.76 7.16 14.77
CA GLN D 167 14.19 6.57 15.99
C GLN D 167 13.78 7.64 17.00
N VAL D 168 13.26 8.76 16.51
CA VAL D 168 12.65 9.76 17.38
C VAL D 168 11.16 9.47 17.46
N SER D 169 10.68 9.19 18.69
CA SER D 169 9.27 8.87 18.84
C SER D 169 8.40 10.07 18.51
N CYS D 170 7.26 9.81 17.90
CA CYS D 170 6.26 10.84 17.65
C CYS D 170 5.26 10.83 18.80
N ALA D 171 5.18 11.96 19.51
CA ALA D 171 4.22 12.14 20.61
C ALA D 171 2.81 12.43 20.12
N GLY D 172 2.63 12.62 18.82
CA GLY D 172 1.32 12.89 18.25
C GLY D 172 1.34 14.11 17.37
N LEU D 173 0.14 14.43 16.87
CA LEU D 173 -0.08 15.61 16.03
C LEU D 173 -0.94 16.63 16.76
N VAL D 174 -0.75 17.90 16.44
CA VAL D 174 -1.70 18.94 16.82
C VAL D 174 -2.01 19.74 15.56
N ILE D 175 -3.31 19.88 15.27
CA ILE D 175 -3.74 20.80 14.21
C ILE D 175 -3.67 22.22 14.76
N GLY D 176 -2.90 23.06 14.10
CA GLY D 176 -2.62 24.39 14.64
C GLY D 176 -3.81 25.32 14.60
N SER D 177 -4.70 25.14 13.63
CA SER D 177 -5.85 26.02 13.48
C SER D 177 -6.97 25.19 12.86
N TRP D 178 -8.06 25.04 13.61
CA TRP D 178 -9.18 24.21 13.18
C TRP D 178 -10.34 25.10 12.80
N PRO D 179 -10.75 25.13 11.53
CA PRO D 179 -11.79 26.08 11.12
C PRO D 179 -13.15 25.72 11.68
N ASP D 180 -14.02 26.73 11.70
CA ASP D 180 -15.39 26.58 12.16
C ASP D 180 -16.32 27.37 11.24
N PRO D 181 -17.17 26.69 10.44
CA PRO D 181 -17.25 25.23 10.36
C PRO D 181 -16.18 24.66 9.42
N PRO D 182 -15.83 23.38 9.58
CA PRO D 182 -14.84 22.77 8.69
C PRO D 182 -15.43 22.47 7.32
N GLY D 183 -14.73 22.88 6.28
CA GLY D 183 -15.11 22.53 4.92
C GLY D 183 -14.79 21.07 4.63
N LEU D 184 -15.04 20.69 3.37
CA LEU D 184 -14.83 19.30 2.95
C LEU D 184 -13.39 18.87 3.17
N VAL D 185 -12.44 19.70 2.72
CA VAL D 185 -11.04 19.33 2.78
C VAL D 185 -10.58 19.22 4.22
N ALA D 186 -10.90 20.22 5.06
CA ALA D 186 -10.48 20.18 6.45
C ALA D 186 -11.04 18.97 7.18
N ALA D 187 -12.32 18.66 6.96
CA ALA D 187 -12.94 17.53 7.62
C ALA D 187 -12.32 16.22 7.16
N SER D 188 -12.08 16.09 5.85
CA SER D 188 -11.42 14.90 5.33
C SER D 188 -10.01 14.76 5.89
N ASN D 189 -9.26 15.86 5.91
CA ASN D 189 -7.89 15.84 6.39
C ASN D 189 -7.81 15.43 7.86
N ARG D 190 -8.72 15.93 8.70
CA ARG D 190 -8.65 15.59 10.12
C ARG D 190 -8.85 14.09 10.33
N SER D 191 -9.81 13.50 9.62
CA SER D 191 -10.01 12.05 9.71
C SER D 191 -8.76 11.31 9.23
N ALA D 192 -8.17 11.76 8.11
CA ALA D 192 -7.02 11.05 7.57
C ALA D 192 -5.79 11.21 8.46
N LEU D 193 -5.63 12.41 9.05
CA LEU D 193 -4.53 12.62 9.98
C LEU D 193 -4.62 11.68 11.17
N ALA D 194 -5.84 11.49 11.69
CA ALA D 194 -6.05 10.60 12.82
C ALA D 194 -5.73 9.15 12.49
N ARG D 195 -5.77 8.76 11.23
CA ARG D 195 -5.34 7.43 10.87
C ARG D 195 -3.83 7.32 10.73
N ILE D 196 -3.14 8.46 10.60
CA ILE D 196 -1.68 8.48 10.55
C ILE D 196 -1.06 8.47 11.93
N ALA D 197 -1.65 9.21 12.87
CA ALA D 197 -1.08 9.32 14.20
C ALA D 197 -2.16 9.85 15.13
N MET D 198 -1.84 9.89 16.43
CA MET D 198 -2.76 10.44 17.41
C MET D 198 -2.86 11.95 17.22
N VAL D 199 -4.08 12.46 17.05
CA VAL D 199 -4.31 13.89 17.01
C VAL D 199 -4.58 14.33 18.45
N ARG D 200 -3.58 14.97 19.06
CA ARG D 200 -3.71 15.32 20.49
C ARG D 200 -4.64 16.51 20.69
N ALA D 201 -4.77 17.39 19.70
CA ALA D 201 -5.59 18.59 19.82
C ALA D 201 -5.78 19.21 18.44
N ALA D 202 -6.80 20.06 18.35
CA ALA D 202 -7.07 20.87 17.16
C ALA D 202 -7.47 22.24 17.68
N LEU D 203 -6.53 23.18 17.69
CA LEU D 203 -6.78 24.47 18.32
C LEU D 203 -7.81 25.26 17.51
N PRO D 204 -8.81 25.85 18.16
CA PRO D 204 -9.75 26.70 17.42
C PRO D 204 -9.01 27.81 16.70
N ALA D 205 -9.43 28.08 15.46
CA ALA D 205 -8.86 29.20 14.72
C ALA D 205 -8.99 30.48 15.53
N GLY D 206 -7.98 31.34 15.44
CA GLY D 206 -7.96 32.57 16.20
C GLY D 206 -7.56 32.43 17.65
N ALA D 207 -7.02 31.27 18.06
CA ALA D 207 -6.63 31.08 19.45
C ALA D 207 -5.52 32.01 19.88
N ALA D 208 -4.66 32.43 18.95
CA ALA D 208 -3.50 33.25 19.30
C ALA D 208 -3.87 34.65 19.77
N SER D 209 -5.10 35.10 19.49
CA SER D 209 -5.54 36.43 19.90
C SER D 209 -6.51 36.39 21.08
N LEU D 210 -6.68 35.24 21.71
CA LEU D 210 -7.44 35.16 22.95
C LEU D 210 -6.65 35.82 24.08
N ASP D 211 -7.38 36.38 25.04
CA ASP D 211 -6.73 36.88 26.24
C ASP D 211 -6.26 35.70 27.10
N ALA D 212 -5.45 36.03 28.12
CA ALA D 212 -4.86 34.98 28.94
C ALA D 212 -5.91 34.08 29.55
N GLY D 213 -7.03 34.66 30.00
CA GLY D 213 -8.07 33.86 30.63
C GLY D 213 -8.75 32.93 29.64
N ASP D 214 -9.15 33.46 28.49
CA ASP D 214 -9.81 32.65 27.48
C ASP D 214 -8.86 31.61 26.88
N PHE D 215 -7.59 31.98 26.72
CA PHE D 215 -6.62 31.03 26.18
C PHE D 215 -6.46 29.83 27.10
N ALA D 216 -6.38 30.07 28.42
CA ALA D 216 -6.28 28.96 29.36
C ALA D 216 -7.49 28.05 29.29
N ALA D 217 -8.68 28.63 29.10
CA ALA D 217 -9.88 27.81 28.98
C ALA D 217 -9.87 27.02 27.67
N MET D 218 -9.41 27.64 26.59
CA MET D 218 -9.28 26.94 25.33
C MET D 218 -8.29 25.79 25.45
N SER D 219 -7.13 26.05 26.08
CA SER D 219 -6.08 25.04 26.18
C SER D 219 -6.54 23.85 27.01
N ALA D 220 -7.24 24.10 28.12
CA ALA D 220 -7.67 23.01 28.98
C ALA D 220 -8.64 22.08 28.25
N ALA D 221 -9.53 22.66 27.42
CA ALA D 221 -10.47 21.85 26.67
C ALA D 221 -9.82 21.16 25.47
N ALA D 222 -8.76 21.73 24.92
CA ALA D 222 -8.21 21.25 23.65
C ALA D 222 -7.52 19.90 23.79
N PHE D 223 -6.86 19.65 24.91
CA PHE D 223 -6.08 18.43 25.12
C PHE D 223 -6.79 17.48 26.06
N ASP D 224 -6.54 16.18 25.86
CA ASP D 224 -6.97 15.16 26.81
C ASP D 224 -6.22 15.33 28.12
N ARG D 225 -6.96 15.58 29.21
CA ARG D 225 -6.33 15.86 30.49
C ARG D 225 -5.44 14.70 30.95
N ASN D 226 -5.86 13.46 30.69
CA ASN D 226 -5.06 12.31 31.11
C ASN D 226 -3.76 12.22 30.32
N TRP D 227 -3.80 12.52 29.02
CA TRP D 227 -2.56 12.51 28.24
C TRP D 227 -1.59 13.57 28.76
N VAL D 228 -2.10 14.77 29.02
CA VAL D 228 -1.25 15.86 29.51
C VAL D 228 -0.59 15.47 30.83
N ALA D 229 -1.39 15.04 31.80
CA ALA D 229 -0.84 14.67 33.11
C ALA D 229 0.18 13.54 33.00
N GLY D 230 -0.04 12.61 32.07
CA GLY D 230 0.91 11.52 31.91
C GLY D 230 2.20 11.88 31.25
N LEU D 231 2.37 13.13 30.80
CA LEU D 231 3.61 13.50 30.13
C LEU D 231 4.77 13.59 31.09
N VAL D 232 4.51 13.90 32.36
CA VAL D 232 5.56 14.01 33.36
C VAL D 232 5.27 13.10 34.55
#